data_5XIO
#
_entry.id   5XIO
#
_cell.length_a   82.768
_cell.length_b   112.635
_cell.length_c   140.494
_cell.angle_alpha   90.00
_cell.angle_beta   90.00
_cell.angle_gamma   90.00
#
_symmetry.space_group_name_H-M   'P 21 21 21'
#
loop_
_entity.id
_entity.type
_entity.pdbx_description
1 polymer 'Proline-tRNA synthetase class II aaRS (Ybak RNA binding domain plus tRNA synthetase)'
2 non-polymer 7-bromo-6-chloro-3-{3-[(2R,3S)-3-hydroxypiperidin-2-yl]-2-oxopropyl}quinazolin-4(3H)-one
3 non-polymer 'ZINC ION'
4 non-polymer 'PHOSPHOAMINOPHOSPHONIC ACID-ADENYLATE ESTER'
5 water water
#
_entity_poly.entity_id   1
_entity_poly.type   'polypeptide(L)'
_entity_poly.pdbx_seq_one_letter_code
;GAMGITADKITSFADWYSQVIVKSEMIEYYDISGCYILRPWSYFIWETIQSVFDQKIKQHDVQNAYFPIFVTQKKLETEK
DHVEGFSPEVAWVTKSGKSDLAEPIAIRPTSETIMYPYFAKWIRSHRDLPLKINQWTSIVRWEFKHPTPFIRTREFLWQE
GHTAHSTRKEALEMVDIILNEYASIYEDLLATPVVKGTKSENEKFPGGDITKSIEGFIPEIGRAVQAATSHLLGQNFSKM
FGVEFEDEKGNKEYAHQTSWGLTTRAIGVMIMTHGDNKGLVLPPKVAPVQVIIIPIIFKTVITEEQKKICNEVECILKKA
GVRVKIDDRSNYTPGWKYNHWEVKGVCLRFEVGPRDIEKRSVRVVVRDNMEKMDIPISELESKIPKLLEEFQNRLLFKAK
QRQNESIIRVDTFDKVMDTLNQKKMVIAPWCEDVSCEEEIKKETARLSLDNEDNQSMTGAMKSLCIPNDQIFKIEEGKTK
CFFCDKLAKKFTLFGRSY
;
_entity_poly.pdbx_strand_id   A,B
#
# COMPACT_ATOMS: atom_id res chain seq x y z
N MET A 3 6.67 6.70 32.14
CA MET A 3 6.56 8.19 32.03
C MET A 3 5.12 8.65 31.53
N GLY A 4 4.72 9.85 31.94
CA GLY A 4 3.44 10.47 31.61
C GLY A 4 3.74 11.77 30.90
N ILE A 5 2.71 12.55 30.65
CA ILE A 5 2.87 13.74 29.84
C ILE A 5 3.13 14.94 30.76
N THR A 6 4.20 15.70 30.53
CA THR A 6 4.54 16.74 31.45
C THR A 6 4.43 18.13 30.81
N ALA A 7 3.84 18.21 29.62
CA ALA A 7 3.58 19.51 29.04
C ALA A 7 2.07 19.68 28.94
N ASP A 8 1.65 20.93 29.11
CA ASP A 8 0.27 21.26 29.12
C ASP A 8 -0.20 21.56 27.65
N LYS A 9 -1.40 21.11 27.31
CA LYS A 9 -1.90 21.22 25.95
C LYS A 9 -2.08 22.65 25.52
N ILE A 10 -2.82 23.42 26.32
CA ILE A 10 -3.11 24.85 26.07
C ILE A 10 -1.89 25.74 26.11
N THR A 11 -0.98 25.58 27.08
CA THR A 11 0.14 26.58 27.25
C THR A 11 1.51 26.19 26.70
N SER A 12 1.69 24.90 26.42
CA SER A 12 2.92 24.41 25.86
C SER A 12 2.64 23.40 24.70
N PHE A 13 1.81 23.82 23.76
CA PHE A 13 1.29 22.91 22.69
C PHE A 13 2.38 22.10 21.97
N ALA A 14 3.45 22.74 21.52
CA ALA A 14 4.43 22.05 20.69
C ALA A 14 5.11 20.89 21.41
N ASP A 15 5.47 21.15 22.66
CA ASP A 15 6.07 20.16 23.56
C ASP A 15 5.04 19.06 23.85
N TRP A 16 3.81 19.44 24.19
CA TRP A 16 2.70 18.48 24.32
C TRP A 16 2.52 17.52 23.13
N TYR A 17 2.41 18.08 21.93
CA TYR A 17 2.22 17.26 20.70
C TYR A 17 3.40 16.27 20.53
N SER A 18 4.61 16.80 20.62
CA SER A 18 5.79 15.93 20.60
C SER A 18 5.81 14.78 21.66
N GLN A 19 5.62 15.05 22.95
CA GLN A 19 5.65 13.95 23.94
C GLN A 19 4.55 12.89 23.69
N VAL A 20 3.38 13.37 23.32
CA VAL A 20 2.26 12.47 23.08
C VAL A 20 2.49 11.49 21.92
N ILE A 21 3.17 11.91 20.86
CA ILE A 21 3.30 11.00 19.70
C ILE A 21 4.50 10.09 19.88
N VAL A 22 5.50 10.57 20.61
CA VAL A 22 6.64 9.74 20.95
C VAL A 22 6.35 8.76 22.11
N LYS A 23 5.77 9.18 23.21
CA LYS A 23 5.58 8.21 24.33
C LYS A 23 4.53 7.15 24.04
N SER A 24 3.55 7.51 23.19
CA SER A 24 2.55 6.54 22.70
C SER A 24 3.14 5.57 21.74
N GLU A 25 4.34 5.85 21.25
CA GLU A 25 4.94 4.95 20.24
C GLU A 25 4.22 5.05 18.87
N MET A 26 3.65 6.20 18.58
CA MET A 26 3.17 6.48 17.26
C MET A 26 4.27 6.80 16.23
N ILE A 27 5.31 7.52 16.65
CA ILE A 27 6.28 8.13 15.74
C ILE A 27 7.66 7.94 16.32
N GLU A 28 8.66 7.83 15.47
CA GLU A 28 10.06 8.04 15.91
C GLU A 28 10.70 9.11 15.02
N TYR A 29 11.51 9.99 15.63
CA TYR A 29 12.27 11.00 14.88
C TYR A 29 13.46 10.38 14.14
N TYR A 30 13.78 10.87 12.95
CA TYR A 30 14.74 10.26 12.03
C TYR A 30 15.77 11.36 11.79
N ASP A 31 16.91 11.05 11.26
CA ASP A 31 17.99 12.06 11.07
C ASP A 31 18.02 12.74 9.68
N ILE A 32 16.91 12.72 8.96
CA ILE A 32 16.74 13.62 7.84
C ILE A 32 15.54 14.49 8.20
N SER A 33 15.74 15.79 8.23
CA SER A 33 14.69 16.68 8.67
C SER A 33 13.37 16.56 7.86
N GLY A 34 12.24 16.58 8.57
CA GLY A 34 10.90 16.48 7.97
C GLY A 34 10.41 15.09 7.65
N CYS A 35 11.19 14.08 8.02
CA CYS A 35 10.90 12.67 7.81
C CYS A 35 10.70 12.02 9.18
N TYR A 36 9.71 11.15 9.26
CA TYR A 36 9.24 10.57 10.48
C TYR A 36 8.87 9.11 10.24
N ILE A 37 9.23 8.23 11.16
CA ILE A 37 8.93 6.80 11.05
C ILE A 37 7.54 6.60 11.62
N LEU A 38 6.69 5.85 10.92
CA LEU A 38 5.34 5.53 11.42
C LEU A 38 5.41 4.15 12.03
N ARG A 39 5.47 4.06 13.34
CA ARG A 39 5.46 2.80 14.04
C ARG A 39 4.09 2.17 13.94
N PRO A 40 3.97 0.89 14.29
CA PRO A 40 2.67 0.25 14.09
C PRO A 40 1.42 0.96 14.66
N TRP A 41 1.59 1.57 15.83
CA TRP A 41 0.49 2.17 16.51
C TRP A 41 -0.20 3.24 15.64
N SER A 42 0.56 4.05 14.88
CA SER A 42 -0.04 5.03 13.97
C SER A 42 -0.28 4.41 12.59
N TYR A 43 0.55 3.47 12.18
CA TYR A 43 0.38 2.88 10.83
C TYR A 43 -0.94 2.14 10.73
N PHE A 44 -1.44 1.58 11.83
CA PHE A 44 -2.77 0.89 11.89
C PHE A 44 -3.88 1.85 11.53
N ILE A 45 -3.74 3.09 11.96
CA ILE A 45 -4.77 4.09 11.68
C ILE A 45 -4.80 4.41 10.15
N TRP A 46 -3.62 4.56 9.53
CA TRP A 46 -3.54 4.78 8.11
C TRP A 46 -4.14 3.58 7.35
N GLU A 47 -3.82 2.34 7.76
CA GLU A 47 -4.38 1.14 7.11
C GLU A 47 -5.91 1.12 7.18
N THR A 48 -6.46 1.49 8.33
CA THR A 48 -7.91 1.63 8.44
C THR A 48 -8.51 2.68 7.50
N ILE A 49 -7.90 3.86 7.43
CA ILE A 49 -8.34 4.86 6.50
C ILE A 49 -8.26 4.34 5.07
N GLN A 50 -7.18 3.63 4.72
CA GLN A 50 -7.03 3.03 3.38
C GLN A 50 -8.22 2.14 3.03
N SER A 51 -8.61 1.26 3.96
CA SER A 51 -9.60 0.27 3.60
C SER A 51 -11.00 0.86 3.53
N VAL A 52 -11.34 1.77 4.41
CA VAL A 52 -12.63 2.42 4.30
C VAL A 52 -12.83 3.29 3.05
N PHE A 53 -11.80 4.08 2.69
CA PHE A 53 -11.90 4.92 1.53
C PHE A 53 -11.92 4.13 0.22
N ASP A 54 -11.05 3.12 0.16
CA ASP A 54 -10.99 2.17 -0.94
C ASP A 54 -12.34 1.52 -1.20
N GLN A 55 -13.02 1.05 -0.15
CA GLN A 55 -14.32 0.43 -0.32
CA GLN A 55 -14.34 0.44 -0.31
C GLN A 55 -15.33 1.45 -0.92
N LYS A 56 -15.29 2.71 -0.45
CA LYS A 56 -16.18 3.76 -0.99
C LYS A 56 -16.02 4.08 -2.50
N ILE A 57 -14.78 4.15 -2.99
CA ILE A 57 -14.56 4.63 -4.34
C ILE A 57 -14.87 3.48 -5.29
N LYS A 58 -14.62 2.24 -4.83
CA LYS A 58 -15.01 1.07 -5.58
C LYS A 58 -16.49 1.03 -5.95
N GLN A 59 -17.33 1.62 -5.13
CA GLN A 59 -18.78 1.74 -5.40
C GLN A 59 -19.12 2.72 -6.49
N HIS A 60 -18.23 3.64 -6.82
CA HIS A 60 -18.35 4.52 -8.01
C HIS A 60 -17.33 4.13 -9.09
N ASP A 61 -16.91 2.87 -9.13
CA ASP A 61 -16.07 2.33 -10.15
C ASP A 61 -14.68 2.86 -10.30
N VAL A 62 -14.07 3.37 -9.23
CA VAL A 62 -12.67 3.79 -9.40
C VAL A 62 -11.87 2.53 -9.31
N GLN A 63 -10.83 2.42 -10.17
CA GLN A 63 -9.92 1.28 -10.27
C GLN A 63 -8.54 1.72 -9.78
N ASN A 64 -7.86 0.87 -9.01
CA ASN A 64 -6.49 1.16 -8.59
C ASN A 64 -5.39 0.81 -9.63
N ALA A 65 -4.33 1.64 -9.62
CA ALA A 65 -3.15 1.36 -10.45
C ALA A 65 -1.87 1.84 -9.83
N TYR A 66 -0.74 1.60 -10.45
CA TYR A 66 0.46 2.18 -9.93
C TYR A 66 1.36 2.69 -11.03
N PHE A 67 1.63 3.99 -11.04
CA PHE A 67 2.50 4.66 -12.03
C PHE A 67 3.89 4.88 -11.42
N PRO A 68 4.91 5.17 -12.23
CA PRO A 68 6.28 5.20 -11.68
C PRO A 68 6.63 6.34 -10.72
N ILE A 69 7.67 6.16 -9.91
CA ILE A 69 8.00 7.25 -9.02
C ILE A 69 8.78 8.37 -9.68
N PHE A 70 9.40 8.10 -10.83
CA PHE A 70 10.22 9.07 -11.55
C PHE A 70 9.50 9.77 -12.67
N VAL A 71 9.90 11.01 -12.92
CA VAL A 71 9.50 11.71 -14.13
C VAL A 71 10.68 12.54 -14.71
N THR A 72 10.75 12.64 -16.06
CA THR A 72 11.85 13.36 -16.73
C THR A 72 11.63 14.85 -16.58
N GLN A 73 12.66 15.67 -16.71
CA GLN A 73 12.42 17.12 -16.66
C GLN A 73 11.61 17.64 -17.83
N LYS A 74 11.82 17.08 -19.02
CA LYS A 74 11.05 17.53 -20.19
C LYS A 74 9.57 17.51 -19.78
N LYS A 75 9.13 16.36 -19.29
CA LYS A 75 7.73 16.14 -18.98
C LYS A 75 7.24 16.90 -17.77
N LEU A 76 8.12 17.11 -16.79
CA LEU A 76 7.71 17.82 -15.57
C LEU A 76 7.58 19.30 -15.89
N GLU A 77 8.45 19.83 -16.74
CA GLU A 77 8.38 21.26 -17.06
C GLU A 77 7.48 21.59 -18.26
N THR A 78 6.40 20.82 -18.43
CA THR A 78 5.29 21.21 -19.31
C THR A 78 4.17 22.04 -18.59
N GLU A 79 3.99 21.88 -17.27
CA GLU A 79 2.86 22.52 -16.56
C GLU A 79 2.93 24.09 -16.55
N PHE A 86 6.16 25.88 -9.82
CA PHE A 86 6.21 25.03 -8.62
C PHE A 86 7.61 24.45 -8.28
N SER A 87 8.61 24.65 -9.15
CA SER A 87 9.88 23.84 -9.21
C SER A 87 10.91 23.79 -7.99
N PRO A 88 11.04 24.86 -7.16
CA PRO A 88 12.07 24.85 -6.05
C PRO A 88 11.94 23.78 -4.92
N GLU A 89 10.85 23.03 -4.89
CA GLU A 89 10.61 22.08 -3.82
C GLU A 89 10.73 20.64 -4.37
N VAL A 90 11.17 20.49 -5.63
CA VAL A 90 11.33 19.19 -6.26
C VAL A 90 12.69 18.58 -5.99
N ALA A 91 12.73 17.30 -5.64
CA ALA A 91 13.99 16.59 -5.40
C ALA A 91 14.45 15.89 -6.68
N TRP A 92 15.71 16.10 -7.07
CA TRP A 92 16.27 15.58 -8.32
C TRP A 92 17.31 14.49 -8.06
N VAL A 93 17.22 13.39 -8.82
CA VAL A 93 18.27 12.35 -8.89
C VAL A 93 19.24 12.67 -10.04
N THR A 94 20.53 12.83 -9.69
CA THR A 94 21.58 13.18 -10.66
C THR A 94 22.66 12.10 -10.87
N LYS A 95 22.66 11.05 -10.07
CA LYS A 95 23.77 10.12 -9.98
C LYS A 95 23.24 8.75 -9.75
N SER A 96 23.89 7.72 -10.28
CA SER A 96 23.71 6.36 -9.82
C SER A 96 25.07 5.85 -9.55
N GLY A 97 25.27 5.23 -8.40
CA GLY A 97 26.65 5.01 -7.90
C GLY A 97 27.38 6.33 -7.87
N LYS A 98 28.63 6.31 -8.34
CA LYS A 98 29.44 7.54 -8.45
C LYS A 98 29.24 8.34 -9.73
N SER A 99 28.66 7.76 -10.78
CA SER A 99 28.66 8.45 -12.10
C SER A 99 27.38 9.20 -12.47
N ASP A 100 27.55 10.49 -12.75
CA ASP A 100 26.48 11.37 -13.22
C ASP A 100 25.54 10.79 -14.30
N LEU A 101 24.26 11.12 -14.17
CA LEU A 101 23.28 10.69 -15.08
C LEU A 101 23.29 11.73 -16.17
N ALA A 102 23.06 11.29 -17.42
CA ALA A 102 23.21 12.17 -18.61
C ALA A 102 22.18 13.29 -18.52
N GLU A 103 21.01 12.94 -17.97
CA GLU A 103 20.00 13.92 -17.57
C GLU A 103 19.29 13.58 -16.25
N PRO A 104 19.06 14.60 -15.40
CA PRO A 104 18.45 14.37 -14.11
C PRO A 104 16.97 13.92 -14.21
N ILE A 105 16.55 13.17 -13.20
CA ILE A 105 15.17 12.76 -13.08
C ILE A 105 14.59 13.13 -11.73
N ALA A 106 13.29 13.45 -11.75
CA ALA A 106 12.60 13.96 -10.58
C ALA A 106 11.81 12.91 -9.90
N ILE A 107 11.91 12.92 -8.57
CA ILE A 107 10.98 12.24 -7.74
C ILE A 107 9.65 12.95 -7.76
N ARG A 108 8.64 12.14 -7.96
CA ARG A 108 7.26 12.54 -8.08
C ARG A 108 6.65 13.38 -6.95
N PRO A 109 6.27 14.58 -7.29
CA PRO A 109 5.64 15.48 -6.35
C PRO A 109 4.13 15.45 -6.43
N THR A 110 3.62 14.90 -7.49
CA THR A 110 2.23 14.69 -7.91
C THR A 110 2.31 14.02 -9.30
N SER A 111 1.26 13.32 -9.67
CA SER A 111 1.28 12.56 -10.87
C SER A 111 0.66 13.00 -12.17
N GLU A 112 0.25 14.24 -12.31
CA GLU A 112 -0.38 14.72 -13.54
C GLU A 112 0.44 14.58 -14.79
N THR A 113 1.69 14.91 -14.71
CA THR A 113 2.61 14.89 -15.83
C THR A 113 3.16 13.50 -16.17
N ILE A 114 2.91 12.57 -15.26
CA ILE A 114 3.30 11.17 -15.38
C ILE A 114 2.08 10.49 -16.03
N MET A 115 0.87 10.86 -15.60
CA MET A 115 -0.33 10.12 -15.95
C MET A 115 -1.02 10.57 -17.24
N TYR A 116 -1.11 11.88 -17.47
CA TYR A 116 -1.97 12.41 -18.51
C TYR A 116 -1.55 12.13 -19.97
N PRO A 117 -0.25 12.14 -20.26
CA PRO A 117 0.11 11.66 -21.60
C PRO A 117 -0.45 10.26 -21.92
N TYR A 118 -0.61 9.40 -20.90
CA TYR A 118 -1.18 8.06 -21.11
C TYR A 118 -2.71 8.06 -21.20
N PHE A 119 -3.36 9.01 -20.52
CA PHE A 119 -4.81 9.23 -20.71
C PHE A 119 -5.10 9.62 -22.17
N ALA A 120 -4.22 10.43 -22.76
CA ALA A 120 -4.37 10.87 -24.13
C ALA A 120 -4.37 9.66 -25.07
N LYS A 121 -3.45 8.73 -24.81
CA LYS A 121 -3.30 7.53 -25.61
C LYS A 121 -4.39 6.49 -25.45
N TRP A 122 -4.94 6.33 -24.25
CA TRP A 122 -6.00 5.33 -23.98
C TRP A 122 -7.40 5.76 -24.35
N ILE A 123 -7.65 7.05 -24.38
CA ILE A 123 -8.96 7.56 -24.63
C ILE A 123 -9.10 7.92 -26.13
N ARG A 124 -9.99 7.25 -26.87
CA ARG A 124 -10.33 7.65 -28.26
C ARG A 124 -11.82 7.94 -28.60
N SER A 125 -12.77 7.36 -27.87
CA SER A 125 -14.18 7.46 -28.18
C SER A 125 -14.97 7.69 -26.87
N HIS A 126 -16.18 8.26 -26.92
CA HIS A 126 -17.04 8.36 -25.71
C HIS A 126 -17.25 6.99 -24.98
N ARG A 127 -16.95 5.90 -25.66
CA ARG A 127 -17.14 4.56 -25.10
C ARG A 127 -16.04 4.20 -24.10
N ASP A 128 -14.86 4.75 -24.30
CA ASP A 128 -13.77 4.69 -23.32
C ASP A 128 -13.99 5.61 -22.09
N LEU A 129 -15.16 6.27 -21.99
CA LEU A 129 -15.45 7.17 -20.83
C LEU A 129 -16.65 6.70 -19.99
N PRO A 130 -16.64 6.96 -18.68
CA PRO A 130 -15.58 7.60 -17.91
C PRO A 130 -14.39 6.68 -17.63
N LEU A 131 -13.26 7.32 -17.38
CA LEU A 131 -12.05 6.73 -17.01
C LEU A 131 -11.74 7.24 -15.58
N LYS A 132 -11.66 6.32 -14.63
CA LYS A 132 -11.46 6.66 -13.20
C LYS A 132 -10.29 5.89 -12.62
N ILE A 133 -9.21 6.60 -12.34
CA ILE A 133 -8.02 5.97 -11.76
C ILE A 133 -7.70 6.48 -10.33
N ASN A 134 -7.13 5.63 -9.48
CA ASN A 134 -6.60 6.03 -8.16
C ASN A 134 -5.28 5.27 -7.91
N GLN A 135 -4.32 5.92 -7.27
CA GLN A 135 -3.23 5.19 -6.72
C GLN A 135 -2.86 5.63 -5.27
N TRP A 136 -2.45 4.64 -4.50
CA TRP A 136 -1.88 4.80 -3.12
C TRP A 136 -0.35 4.82 -3.29
N THR A 137 0.29 5.90 -2.88
CA THR A 137 1.74 6.09 -3.14
C THR A 137 2.37 7.00 -2.04
N SER A 138 3.68 7.18 -2.12
CA SER A 138 4.31 8.18 -1.39
C SER A 138 4.70 9.26 -2.33
N ILE A 139 4.89 10.42 -1.73
CA ILE A 139 5.15 11.69 -2.34
C ILE A 139 6.31 12.36 -1.54
N VAL A 140 7.22 13.00 -2.30
CA VAL A 140 8.25 13.84 -1.76
C VAL A 140 8.12 15.25 -2.23
N ARG A 141 8.22 16.17 -1.29
CA ARG A 141 8.30 17.63 -1.59
C ARG A 141 9.23 18.30 -0.64
N TRP A 142 10.13 19.10 -1.17
CA TRP A 142 11.15 19.71 -0.33
C TRP A 142 10.57 20.97 0.28
N GLU A 143 9.85 20.80 1.40
CA GLU A 143 9.18 21.91 2.09
C GLU A 143 10.18 23.01 2.57
N PHE A 144 9.80 24.28 2.37
CA PHE A 144 10.54 25.41 2.88
C PHE A 144 10.05 25.83 4.26
N LYS A 145 8.75 25.78 4.51
CA LYS A 145 8.23 25.97 5.87
C LYS A 145 8.70 24.90 6.84
N HIS A 146 8.78 25.22 8.13
CA HIS A 146 9.12 24.23 9.14
C HIS A 146 8.16 23.00 9.13
N PRO A 147 8.73 21.79 9.25
CA PRO A 147 7.97 20.54 9.33
C PRO A 147 7.36 20.25 10.68
N THR A 148 6.38 19.36 10.70
CA THR A 148 5.65 18.98 11.89
C THR A 148 5.11 17.57 11.56
N PRO A 149 5.31 16.61 12.46
CA PRO A 149 4.81 15.26 12.21
C PRO A 149 3.31 15.20 11.78
N PHE A 150 2.99 14.32 10.82
CA PHE A 150 1.72 14.28 10.05
C PHE A 150 1.27 15.51 9.25
N ILE A 151 1.14 16.64 9.91
CA ILE A 151 0.58 17.77 9.28
C ILE A 151 1.40 18.22 8.05
N ARG A 152 2.74 18.35 8.21
CA ARG A 152 3.66 18.87 7.15
CA ARG A 152 3.64 18.86 7.14
C ARG A 152 5.00 18.11 7.13
N THR A 153 5.09 17.06 6.28
CA THR A 153 6.28 16.25 6.15
C THR A 153 6.90 16.31 4.76
N ARG A 154 8.21 15.96 4.64
CA ARG A 154 8.95 15.98 3.37
C ARG A 154 8.49 14.80 2.50
N GLU A 155 8.42 13.62 3.11
CA GLU A 155 7.79 12.46 2.52
C GLU A 155 6.48 12.32 3.27
N PHE A 156 5.39 12.13 2.52
CA PHE A 156 4.11 11.76 3.11
C PHE A 156 3.45 10.67 2.32
N LEU A 157 2.43 10.04 2.89
CA LEU A 157 1.62 9.05 2.11
C LEU A 157 0.28 9.60 1.70
N TRP A 158 -0.21 9.22 0.51
CA TRP A 158 -1.56 9.67 0.09
C TRP A 158 -2.26 8.75 -0.89
N GLN A 159 -3.48 9.09 -1.23
CA GLN A 159 -4.04 8.62 -2.50
C GLN A 159 -4.22 9.84 -3.40
N GLU A 160 -4.10 9.66 -4.71
CA GLU A 160 -4.51 10.69 -5.67
C GLU A 160 -5.45 10.05 -6.67
N GLY A 161 -6.65 10.61 -6.80
CA GLY A 161 -7.63 10.15 -7.78
C GLY A 161 -7.64 11.13 -8.99
N HIS A 162 -7.83 10.59 -10.19
CA HIS A 162 -7.73 11.34 -11.47
C HIS A 162 -8.83 10.78 -12.40
N THR A 163 -9.91 11.54 -12.66
CA THR A 163 -11.00 11.03 -13.56
C THR A 163 -11.10 11.81 -14.85
N ALA A 164 -11.70 11.15 -15.84
CA ALA A 164 -12.07 11.85 -17.10
C ALA A 164 -13.46 11.52 -17.59
N HIS A 165 -14.20 12.57 -17.95
CA HIS A 165 -15.58 12.46 -18.39
C HIS A 165 -15.93 13.17 -19.75
N SER A 166 -17.13 12.86 -20.27
CA SER A 166 -17.57 13.42 -21.59
C SER A 166 -18.36 14.74 -21.46
N THR A 167 -18.96 14.97 -20.28
CA THR A 167 -19.59 16.24 -19.92
C THR A 167 -19.03 16.84 -18.61
N ARG A 168 -19.11 18.18 -18.51
CA ARG A 168 -18.81 18.98 -17.30
C ARG A 168 -19.71 18.58 -16.14
N LYS A 169 -20.95 18.28 -16.47
CA LYS A 169 -21.93 17.94 -15.46
C LYS A 169 -21.54 16.68 -14.72
N GLU A 170 -21.11 15.67 -15.45
CA GLU A 170 -20.70 14.42 -14.84
C GLU A 170 -19.38 14.59 -14.01
N ALA A 171 -18.48 15.45 -14.47
CA ALA A 171 -17.24 15.66 -13.73
C ALA A 171 -17.46 16.39 -12.44
N LEU A 172 -18.36 17.36 -12.49
CA LEU A 172 -18.67 18.16 -11.33
C LEU A 172 -19.39 17.31 -10.34
N GLU A 173 -20.29 16.44 -10.78
CA GLU A 173 -20.89 15.61 -9.75
C GLU A 173 -19.86 14.65 -9.04
N MET A 174 -18.78 14.25 -9.71
CA MET A 174 -17.79 13.32 -9.15
C MET A 174 -16.95 14.12 -8.11
N VAL A 175 -16.59 15.36 -8.46
CA VAL A 175 -16.00 16.28 -7.52
C VAL A 175 -16.79 16.31 -6.21
N ASP A 176 -18.11 16.42 -6.30
CA ASP A 176 -18.96 16.55 -5.10
C ASP A 176 -19.09 15.22 -4.32
N ILE A 177 -19.24 14.13 -5.06
CA ILE A 177 -19.24 12.82 -4.44
C ILE A 177 -17.96 12.63 -3.62
N ILE A 178 -16.79 12.99 -4.17
CA ILE A 178 -15.61 12.70 -3.47
C ILE A 178 -15.46 13.60 -2.23
N LEU A 179 -15.90 14.83 -2.35
CA LEU A 179 -15.81 15.75 -1.30
C LEU A 179 -16.63 15.28 -0.10
N ASN A 180 -17.83 14.70 -0.39
CA ASN A 180 -18.62 14.08 0.67
C ASN A 180 -17.95 12.87 1.31
N GLU A 181 -17.28 12.04 0.52
CA GLU A 181 -16.59 10.89 1.11
C GLU A 181 -15.48 11.32 2.05
N TYR A 182 -14.81 12.41 1.71
CA TYR A 182 -13.69 12.88 2.47
C TYR A 182 -14.25 13.38 3.81
N ALA A 183 -15.41 14.04 3.74
CA ALA A 183 -16.01 14.66 4.97
C ALA A 183 -16.42 13.56 5.96
N SER A 184 -16.90 12.50 5.39
CA SER A 184 -17.28 11.29 6.10
C SER A 184 -16.07 10.57 6.69
N ILE A 185 -14.95 10.53 5.97
CA ILE A 185 -13.77 9.98 6.56
C ILE A 185 -13.40 10.73 7.81
N TYR A 186 -13.39 12.05 7.75
CA TYR A 186 -13.07 12.80 8.94
C TYR A 186 -14.14 12.72 10.05
N GLU A 187 -15.40 12.92 9.70
CA GLU A 187 -16.46 12.97 10.70
C GLU A 187 -16.83 11.58 11.25
N ASP A 188 -17.11 10.62 10.37
CA ASP A 188 -17.60 9.28 10.82
C ASP A 188 -16.51 8.33 11.27
N LEU A 189 -15.29 8.44 10.71
CA LEU A 189 -14.22 7.55 11.09
C LEU A 189 -13.33 8.19 12.21
N LEU A 190 -12.90 9.46 12.01
CA LEU A 190 -11.91 10.10 12.86
C LEU A 190 -12.58 10.99 13.94
N ALA A 191 -13.91 11.10 13.89
CA ALA A 191 -14.68 11.94 14.80
C ALA A 191 -14.17 13.36 14.87
N THR A 192 -13.83 13.90 13.71
CA THR A 192 -13.22 15.24 13.59
C THR A 192 -14.11 16.13 12.68
N PRO A 193 -14.71 17.22 13.22
CA PRO A 193 -15.53 18.07 12.35
C PRO A 193 -14.70 18.86 11.35
N VAL A 194 -15.28 19.05 10.16
CA VAL A 194 -14.67 19.76 9.07
C VAL A 194 -15.74 20.59 8.35
N VAL A 195 -15.33 21.68 7.68
CA VAL A 195 -16.26 22.55 7.04
C VAL A 195 -16.06 22.40 5.52
N LYS A 196 -17.10 21.99 4.79
CA LYS A 196 -17.09 21.93 3.31
C LYS A 196 -17.22 23.29 2.63
N GLY A 197 -16.45 23.51 1.58
CA GLY A 197 -16.62 24.76 0.84
C GLY A 197 -15.86 24.84 -0.44
N THR A 198 -15.89 26.04 -1.03
CA THR A 198 -15.16 26.37 -2.27
C THR A 198 -13.99 27.34 -2.02
N LYS A 199 -12.85 27.07 -2.62
CA LYS A 199 -11.65 27.92 -2.57
C LYS A 199 -11.84 29.21 -3.37
N SER A 200 -11.44 30.35 -2.82
CA SER A 200 -11.39 31.64 -3.57
C SER A 200 -10.50 31.49 -4.80
N GLU A 201 -10.64 32.39 -5.76
CA GLU A 201 -9.71 32.47 -6.91
C GLU A 201 -8.24 32.64 -6.53
N ASN A 202 -7.94 33.35 -5.46
CA ASN A 202 -6.52 33.48 -5.05
C ASN A 202 -6.00 32.14 -4.52
N GLU A 203 -6.87 31.35 -3.90
CA GLU A 203 -6.35 30.16 -3.21
C GLU A 203 -6.49 28.87 -3.98
N LYS A 204 -7.21 28.86 -5.11
CA LYS A 204 -7.35 27.60 -5.86
C LYS A 204 -6.11 27.13 -6.60
N PHE A 205 -6.14 25.84 -6.96
CA PHE A 205 -5.11 25.18 -7.74
C PHE A 205 -5.06 25.78 -9.12
N PRO A 206 -3.90 26.31 -9.50
CA PRO A 206 -4.00 27.16 -10.67
C PRO A 206 -4.30 26.42 -11.96
N GLY A 207 -4.09 25.12 -12.02
CA GLY A 207 -4.33 24.38 -13.24
C GLY A 207 -5.71 23.78 -13.33
N GLY A 208 -6.71 24.40 -12.69
CA GLY A 208 -8.04 23.89 -12.71
C GLY A 208 -8.98 25.05 -12.66
N ASP A 209 -10.27 24.76 -12.78
CA ASP A 209 -11.31 25.80 -12.76
C ASP A 209 -11.88 26.04 -11.39
N ILE A 210 -12.19 24.97 -10.68
CA ILE A 210 -12.78 25.09 -9.36
C ILE A 210 -12.00 24.17 -8.43
N THR A 211 -11.93 24.56 -7.16
CA THR A 211 -11.33 23.73 -6.12
C THR A 211 -12.24 23.72 -4.88
N LYS A 212 -12.68 22.53 -4.47
CA LYS A 212 -13.41 22.42 -3.25
C LYS A 212 -12.57 21.67 -2.26
N SER A 213 -12.89 21.87 -0.99
CA SER A 213 -12.02 21.46 0.04
C SER A 213 -12.81 21.38 1.29
N ILE A 214 -12.20 20.71 2.25
CA ILE A 214 -12.68 20.65 3.61
C ILE A 214 -11.59 21.29 4.50
N GLU A 215 -12.02 22.13 5.43
CA GLU A 215 -11.15 22.84 6.34
C GLU A 215 -11.45 22.40 7.70
N GLY A 216 -10.42 22.14 8.50
CA GLY A 216 -10.59 21.97 9.91
C GLY A 216 -9.77 22.98 10.73
N PHE A 217 -9.80 22.83 12.06
CA PHE A 217 -9.34 23.93 12.91
C PHE A 217 -8.87 23.42 14.26
N ILE A 218 -7.63 23.77 14.63
CA ILE A 218 -7.06 23.38 15.93
C ILE A 218 -7.20 24.55 16.90
N PRO A 219 -8.23 24.51 17.74
CA PRO A 219 -8.59 25.68 18.62
C PRO A 219 -7.53 26.08 19.69
N GLU A 220 -6.72 25.14 20.19
CA GLU A 220 -5.69 25.44 21.21
C GLU A 220 -4.54 26.32 20.67
N ILE A 221 -4.41 26.44 19.36
CA ILE A 221 -3.41 27.30 18.81
C ILE A 221 -3.90 28.29 17.75
N GLY A 222 -5.21 28.36 17.51
CA GLY A 222 -5.81 29.29 16.55
C GLY A 222 -5.53 29.13 15.07
N ARG A 223 -5.22 27.93 14.61
CA ARG A 223 -4.85 27.76 13.22
C ARG A 223 -5.70 26.77 12.46
N ALA A 224 -6.12 27.18 11.24
CA ALA A 224 -6.85 26.33 10.30
C ALA A 224 -5.88 25.43 9.52
N VAL A 225 -6.40 24.26 9.12
CA VAL A 225 -5.67 23.33 8.30
C VAL A 225 -6.56 22.85 7.17
N GLN A 226 -5.98 22.75 6.00
CA GLN A 226 -6.70 22.29 4.85
C GLN A 226 -6.63 20.76 4.91
N ALA A 227 -7.78 20.07 4.95
CA ALA A 227 -7.78 18.65 5.32
C ALA A 227 -7.86 17.66 4.19
N ALA A 228 -8.33 18.12 3.03
CA ALA A 228 -8.33 17.37 1.78
C ALA A 228 -8.86 18.30 0.67
N THR A 229 -8.73 17.96 -0.62
CA THR A 229 -9.27 18.82 -1.73
C THR A 229 -9.66 18.03 -2.97
N SER A 230 -10.42 18.69 -3.86
CA SER A 230 -11.06 17.99 -4.92
C SER A 230 -11.31 19.03 -6.01
N HIS A 231 -10.68 18.83 -7.14
CA HIS A 231 -10.72 19.82 -8.23
C HIS A 231 -11.60 19.38 -9.46
N LEU A 232 -12.35 20.34 -9.97
CA LEU A 232 -12.85 20.30 -11.35
C LEU A 232 -11.86 20.95 -12.22
N LEU A 233 -11.12 20.14 -12.94
CA LEU A 233 -10.03 20.63 -13.76
C LEU A 233 -10.53 21.15 -15.08
N GLY A 234 -11.74 20.72 -15.43
CA GLY A 234 -12.38 21.05 -16.70
C GLY A 234 -11.61 20.50 -17.88
N GLN A 235 -11.42 21.41 -18.84
CA GLN A 235 -10.62 21.13 -20.04
C GLN A 235 -9.19 21.69 -20.01
N ASN A 236 -8.74 22.21 -18.87
CA ASN A 236 -7.40 22.81 -18.83
C ASN A 236 -6.27 21.87 -19.21
N PHE A 237 -6.26 20.70 -18.60
CA PHE A 237 -5.16 19.76 -18.84
C PHE A 237 -5.43 18.93 -20.10
N SER A 238 -6.69 18.80 -20.49
CA SER A 238 -7.00 17.96 -21.63
C SER A 238 -6.56 18.64 -22.91
N LYS A 239 -6.63 19.97 -22.93
CA LYS A 239 -6.04 20.76 -24.04
C LYS A 239 -4.54 20.75 -24.01
N MET A 240 -3.98 20.80 -22.82
CA MET A 240 -2.53 20.82 -22.66
C MET A 240 -1.86 19.53 -23.06
N PHE A 241 -2.55 18.40 -22.90
CA PHE A 241 -1.94 17.09 -23.16
C PHE A 241 -2.56 16.34 -24.32
N GLY A 242 -3.72 16.81 -24.78
CA GLY A 242 -4.32 16.31 -26.01
C GLY A 242 -5.25 15.16 -25.65
N VAL A 243 -6.14 15.39 -24.70
CA VAL A 243 -6.98 14.34 -24.19
C VAL A 243 -8.35 14.51 -24.75
N GLU A 244 -8.63 13.71 -25.76
CA GLU A 244 -9.81 13.98 -26.58
C GLU A 244 -10.41 12.75 -27.20
N PHE A 245 -11.73 12.83 -27.32
CA PHE A 245 -12.55 11.76 -27.72
C PHE A 245 -13.56 12.19 -28.82
N GLU A 246 -13.97 11.17 -29.59
CA GLU A 246 -14.93 11.30 -30.67
C GLU A 246 -16.33 11.19 -30.10
N ASP A 247 -17.13 12.22 -30.22
CA ASP A 247 -18.48 12.11 -29.73
C ASP A 247 -19.33 11.27 -30.65
N GLU A 248 -20.56 11.11 -30.24
CA GLU A 248 -21.56 10.35 -31.04
C GLU A 248 -21.69 10.84 -32.51
N LYS A 249 -21.62 12.15 -32.80
CA LYS A 249 -21.73 12.68 -34.19
C LYS A 249 -20.41 12.86 -34.98
N GLY A 250 -19.29 12.29 -34.49
CA GLY A 250 -17.97 12.32 -35.20
C GLY A 250 -17.03 13.45 -34.81
N ASN A 251 -17.52 14.39 -34.01
CA ASN A 251 -16.75 15.57 -33.62
C ASN A 251 -15.83 15.30 -32.41
N LYS A 252 -14.54 15.61 -32.57
CA LYS A 252 -13.57 15.59 -31.45
C LYS A 252 -13.91 16.62 -30.37
N GLU A 253 -13.94 16.18 -29.10
CA GLU A 253 -14.06 17.11 -27.96
C GLU A 253 -13.03 16.79 -26.87
N TYR A 254 -12.63 17.80 -26.11
CA TYR A 254 -11.64 17.65 -25.03
C TYR A 254 -12.37 17.14 -23.77
N ALA A 255 -11.80 16.17 -23.09
CA ALA A 255 -12.54 15.56 -21.98
C ALA A 255 -12.58 16.51 -20.78
N HIS A 256 -13.58 16.33 -19.94
CA HIS A 256 -13.71 17.10 -18.69
C HIS A 256 -13.13 16.25 -17.52
N GLN A 257 -12.05 16.76 -16.91
CA GLN A 257 -11.26 16.02 -15.91
C GLN A 257 -11.47 16.45 -14.44
N THR A 258 -11.29 15.51 -13.51
CA THR A 258 -11.13 15.85 -12.06
C THR A 258 -9.88 15.31 -11.43
N SER A 259 -9.55 15.84 -10.26
CA SER A 259 -8.56 15.21 -9.42
C SER A 259 -8.76 15.56 -7.97
N TRP A 260 -8.23 14.73 -7.09
CA TRP A 260 -8.51 14.80 -5.64
C TRP A 260 -7.42 13.98 -4.88
N GLY A 261 -7.09 14.45 -3.66
CA GLY A 261 -6.09 13.77 -2.76
C GLY A 261 -6.34 13.95 -1.26
N LEU A 262 -5.95 12.95 -0.50
CA LEU A 262 -6.01 13.01 1.02
C LEU A 262 -4.73 12.28 1.57
N THR A 263 -4.14 12.83 2.62
CA THR A 263 -2.87 12.40 3.16
C THR A 263 -2.85 12.05 4.61
N THR A 264 -1.72 11.54 5.07
CA THR A 264 -1.51 11.25 6.53
C THR A 264 -1.64 12.45 7.45
N ARG A 265 -1.72 13.64 6.86
CA ARG A 265 -2.17 14.81 7.61
C ARG A 265 -3.43 14.49 8.48
N ALA A 266 -4.30 13.64 7.96
CA ALA A 266 -5.52 13.34 8.63
C ALA A 266 -5.26 12.82 10.03
N ILE A 267 -4.23 12.06 10.17
CA ILE A 267 -3.94 11.46 11.47
C ILE A 267 -3.57 12.50 12.52
N GLY A 268 -2.87 13.53 12.08
CA GLY A 268 -2.41 14.64 12.97
C GLY A 268 -3.51 15.58 13.42
N VAL A 269 -4.43 15.91 12.51
CA VAL A 269 -5.63 16.68 12.89
C VAL A 269 -6.47 16.00 13.99
N MET A 270 -6.47 14.67 13.97
CA MET A 270 -7.28 13.85 14.83
C MET A 270 -6.66 13.78 16.23
N ILE A 271 -5.37 13.54 16.26
CA ILE A 271 -4.59 13.60 17.50
C ILE A 271 -4.73 14.94 18.18
N MET A 272 -4.49 16.01 17.42
CA MET A 272 -4.54 17.35 18.00
C MET A 272 -5.95 17.75 18.42
N THR A 273 -6.95 17.21 17.75
CA THR A 273 -8.32 17.48 18.15
C THR A 273 -8.73 16.80 19.53
N HIS A 274 -8.50 15.49 19.70
CA HIS A 274 -9.02 14.70 20.82
C HIS A 274 -8.06 14.52 22.01
N GLY A 275 -6.76 14.74 21.81
CA GLY A 275 -5.78 14.52 22.85
C GLY A 275 -5.99 15.43 24.08
N ASP A 276 -5.63 14.93 25.25
CA ASP A 276 -5.60 15.76 26.49
C ASP A 276 -4.27 15.66 27.27
N ASN A 277 -4.26 16.14 28.49
CA ASN A 277 -3.05 16.18 29.24
C ASN A 277 -2.63 14.82 29.75
N LYS A 278 -3.45 13.78 29.63
CA LYS A 278 -2.93 12.41 29.90
C LYS A 278 -2.45 11.61 28.69
N GLY A 279 -2.65 12.11 27.45
CA GLY A 279 -2.15 11.39 26.28
C GLY A 279 -3.15 11.29 25.13
N LEU A 280 -3.00 10.29 24.28
CA LEU A 280 -3.89 10.19 23.12
C LEU A 280 -5.24 9.83 23.62
N VAL A 281 -6.24 10.35 22.93
CA VAL A 281 -7.58 9.84 23.05
C VAL A 281 -7.93 9.50 21.61
N LEU A 282 -8.32 8.25 21.38
CA LEU A 282 -8.57 7.81 20.00
C LEU A 282 -10.00 7.38 19.76
N PRO A 283 -10.56 7.69 18.57
CA PRO A 283 -11.83 7.19 18.17
C PRO A 283 -11.79 5.70 18.15
N PRO A 284 -12.75 5.04 18.78
CA PRO A 284 -12.75 3.58 18.80
C PRO A 284 -12.75 2.91 17.40
N LYS A 285 -13.36 3.51 16.38
CA LYS A 285 -13.27 2.86 15.04
C LYS A 285 -11.84 2.80 14.49
N VAL A 286 -10.89 3.60 15.02
CA VAL A 286 -9.47 3.48 14.60
C VAL A 286 -8.44 3.08 15.69
N ALA A 287 -8.87 2.95 16.95
CA ALA A 287 -7.95 2.52 18.02
C ALA A 287 -7.41 1.09 17.84
N PRO A 288 -6.09 0.93 17.71
CA PRO A 288 -5.57 -0.46 17.55
C PRO A 288 -6.03 -1.45 18.66
N VAL A 289 -6.10 -0.97 19.90
CA VAL A 289 -6.74 -1.74 20.99
C VAL A 289 -7.87 -0.89 21.63
N GLN A 290 -9.11 -1.39 21.64
CA GLN A 290 -10.24 -0.70 22.27
C GLN A 290 -10.46 -0.98 23.79
N VAL A 291 -10.13 -2.20 24.20
CA VAL A 291 -10.29 -2.68 25.58
C VAL A 291 -9.03 -3.41 25.99
N ILE A 292 -8.47 -2.97 27.11
CA ILE A 292 -7.41 -3.64 27.79
C ILE A 292 -7.87 -4.17 29.19
N ILE A 293 -7.60 -5.45 29.44
CA ILE A 293 -8.04 -6.10 30.66
C ILE A 293 -6.85 -6.19 31.60
N ILE A 294 -6.99 -5.59 32.77
CA ILE A 294 -5.91 -5.61 33.75
C ILE A 294 -6.35 -6.32 35.03
N PRO A 295 -5.83 -7.54 35.25
CA PRO A 295 -6.02 -8.24 36.53
C PRO A 295 -5.13 -7.66 37.64
N ILE A 296 -5.66 -7.52 38.86
CA ILE A 296 -4.84 -7.09 40.05
C ILE A 296 -3.82 -8.19 40.48
N THR A 303 -1.94 -14.87 40.76
CA THR A 303 -3.16 -14.85 39.93
C THR A 303 -3.72 -16.26 39.59
N GLU A 304 -4.78 -16.70 40.30
CA GLU A 304 -5.29 -18.11 40.20
C GLU A 304 -6.54 -18.34 39.31
N GLU A 305 -7.74 -18.16 39.88
CA GLU A 305 -9.00 -18.24 39.12
C GLU A 305 -9.28 -16.94 38.31
N GLN A 306 -8.56 -15.86 38.66
CA GLN A 306 -8.42 -14.63 37.87
C GLN A 306 -8.09 -14.91 36.39
N LYS A 307 -7.05 -15.71 36.18
CA LYS A 307 -6.58 -16.06 34.84
C LYS A 307 -7.64 -16.84 34.03
N LYS A 308 -8.67 -17.36 34.67
CA LYS A 308 -9.75 -18.06 33.94
C LYS A 308 -10.87 -17.07 33.54
N ILE A 309 -11.10 -16.06 34.38
CA ILE A 309 -12.19 -15.09 34.18
C ILE A 309 -11.79 -14.03 33.14
N CYS A 310 -10.56 -13.55 33.25
CA CYS A 310 -9.96 -12.73 32.19
C CYS A 310 -10.20 -13.32 30.78
N ASN A 311 -9.85 -14.59 30.59
CA ASN A 311 -9.91 -15.23 29.26
C ASN A 311 -11.35 -15.47 28.81
N GLU A 312 -12.28 -15.56 29.75
CA GLU A 312 -13.71 -15.77 29.41
C GLU A 312 -14.23 -14.43 28.87
N VAL A 313 -13.82 -13.36 29.55
CA VAL A 313 -14.15 -11.99 29.14
C VAL A 313 -13.57 -11.69 27.74
N GLU A 314 -12.31 -12.07 27.53
CA GLU A 314 -11.69 -11.94 26.22
C GLU A 314 -12.49 -12.65 25.13
N CYS A 315 -12.80 -13.93 25.33
CA CYS A 315 -13.55 -14.67 24.32
C CYS A 315 -14.80 -13.93 23.93
N ILE A 316 -15.44 -13.35 24.93
CA ILE A 316 -16.78 -12.79 24.76
C ILE A 316 -16.68 -11.58 23.85
N LEU A 317 -15.77 -10.68 24.20
CA LEU A 317 -15.47 -9.48 23.39
C LEU A 317 -15.01 -9.80 21.96
N LYS A 318 -14.17 -10.83 21.83
CA LYS A 318 -13.67 -11.28 20.53
C LYS A 318 -14.77 -11.86 19.60
N LYS A 319 -15.66 -12.70 20.10
CA LYS A 319 -16.85 -13.14 19.30
C LYS A 319 -17.70 -11.95 18.87
N ALA A 320 -17.76 -10.92 19.73
CA ALA A 320 -18.51 -9.68 19.44
C ALA A 320 -17.84 -8.65 18.47
N GLY A 321 -16.55 -8.85 18.12
CA GLY A 321 -15.86 -8.01 17.12
C GLY A 321 -14.99 -6.89 17.69
N VAL A 322 -14.64 -6.97 18.97
CA VAL A 322 -13.94 -5.93 19.72
C VAL A 322 -12.49 -6.33 19.82
N ARG A 323 -11.58 -5.35 19.66
CA ARG A 323 -10.11 -5.60 19.75
C ARG A 323 -9.69 -5.39 21.22
N VAL A 324 -9.17 -6.45 21.83
CA VAL A 324 -8.98 -6.52 23.26
C VAL A 324 -7.72 -7.30 23.54
N LYS A 325 -6.96 -6.87 24.53
CA LYS A 325 -5.73 -7.52 24.95
C LYS A 325 -5.76 -7.64 26.48
N ILE A 326 -5.03 -8.60 27.02
CA ILE A 326 -4.79 -8.66 28.46
C ILE A 326 -3.37 -8.25 28.77
N ASP A 327 -3.21 -7.32 29.70
CA ASP A 327 -1.90 -7.06 30.27
C ASP A 327 -1.82 -7.74 31.65
N ASP A 328 -1.32 -8.97 31.66
CA ASP A 328 -1.04 -9.69 32.92
C ASP A 328 0.49 -9.78 33.28
N ARG A 329 1.24 -8.70 33.09
CA ARG A 329 2.67 -8.70 33.43
C ARG A 329 2.88 -8.53 34.95
N SER A 330 3.74 -9.36 35.52
CA SER A 330 3.99 -9.34 36.98
C SER A 330 4.91 -8.19 37.41
N ASN A 331 5.83 -7.78 36.54
CA ASN A 331 6.83 -6.75 36.86
C ASN A 331 6.38 -5.27 36.82
N TYR A 332 5.06 -5.00 36.90
CA TYR A 332 4.55 -3.62 36.87
C TYR A 332 3.37 -3.37 37.84
N THR A 333 3.41 -2.22 38.52
CA THR A 333 2.30 -1.72 39.35
C THR A 333 1.04 -1.45 38.52
N PRO A 334 -0.16 -1.82 39.03
CA PRO A 334 -1.38 -1.35 38.35
C PRO A 334 -1.37 0.15 38.00
N GLY A 335 -0.77 0.98 38.83
CA GLY A 335 -0.59 2.40 38.53
C GLY A 335 0.22 2.64 37.26
N TRP A 336 1.26 1.85 37.06
CA TRP A 336 2.09 1.98 35.86
C TRP A 336 1.23 1.62 34.58
N LYS A 337 0.53 0.50 34.67
CA LYS A 337 -0.26 0.01 33.60
C LYS A 337 -1.33 1.00 33.23
N TYR A 338 -2.04 1.52 34.23
CA TYR A 338 -3.09 2.52 33.99
C TYR A 338 -2.54 3.68 33.16
N ASN A 339 -1.40 4.23 33.56
CA ASN A 339 -0.80 5.31 32.77
C ASN A 339 -0.29 4.88 31.33
N HIS A 340 0.20 3.65 31.18
CA HIS A 340 0.80 3.20 29.93
C HIS A 340 -0.30 3.13 28.82
N TRP A 341 -1.41 2.48 29.15
CA TRP A 341 -2.51 2.35 28.21
C TRP A 341 -3.35 3.62 28.06
N GLU A 342 -3.43 4.46 29.08
CA GLU A 342 -3.96 5.79 28.87
C GLU A 342 -3.15 6.60 27.85
N VAL A 343 -1.82 6.53 27.93
CA VAL A 343 -1.02 7.34 27.06
C VAL A 343 -1.23 6.91 25.57
N LYS A 344 -1.52 5.63 25.39
CA LYS A 344 -1.69 5.06 24.08
C LYS A 344 -3.13 5.18 23.62
N GLY A 345 -3.95 5.90 24.38
CA GLY A 345 -5.36 6.10 24.01
C GLY A 345 -6.30 4.91 23.94
N VAL A 346 -6.13 3.91 24.83
CA VAL A 346 -7.11 2.78 24.85
C VAL A 346 -8.47 3.24 25.46
N CYS A 347 -9.55 3.04 24.70
CA CYS A 347 -10.88 3.50 25.07
C CYS A 347 -11.41 3.05 26.47
N LEU A 348 -11.36 1.74 26.71
CA LEU A 348 -11.89 1.14 27.90
C LEU A 348 -10.82 0.36 28.60
N ARG A 349 -10.80 0.46 29.94
CA ARG A 349 -9.86 -0.27 30.79
C ARG A 349 -10.56 -1.08 31.91
N PHE A 350 -10.70 -2.39 31.69
CA PHE A 350 -11.30 -3.33 32.63
C PHE A 350 -10.30 -3.68 33.76
N GLU A 351 -10.67 -3.37 35.01
CA GLU A 351 -9.89 -3.78 36.21
C GLU A 351 -10.53 -5.04 36.84
N VAL A 352 -9.76 -6.09 37.05
CA VAL A 352 -10.31 -7.35 37.53
C VAL A 352 -9.54 -7.87 38.77
N GLY A 353 -10.07 -7.57 39.96
CA GLY A 353 -9.54 -8.09 41.24
C GLY A 353 -10.44 -9.08 42.01
N PRO A 354 -10.18 -9.22 43.33
CA PRO A 354 -10.85 -10.30 44.12
C PRO A 354 -12.39 -10.20 44.17
N ARG A 355 -12.90 -9.01 44.48
CA ARG A 355 -14.34 -8.78 44.59
C ARG A 355 -15.07 -8.71 43.23
N ASP A 356 -14.30 -8.46 42.16
CA ASP A 356 -14.84 -8.51 40.79
C ASP A 356 -15.11 -9.99 40.40
N ILE A 357 -14.16 -10.89 40.70
CA ILE A 357 -14.37 -12.33 40.61
C ILE A 357 -15.59 -12.76 41.45
N GLU A 358 -15.57 -12.39 42.74
CA GLU A 358 -16.64 -12.69 43.68
C GLU A 358 -18.04 -12.24 43.21
N LYS A 359 -18.14 -11.12 42.49
CA LYS A 359 -19.46 -10.60 42.03
C LYS A 359 -19.81 -10.96 40.57
N ARG A 360 -18.90 -11.66 39.87
CA ARG A 360 -19.01 -11.99 38.42
C ARG A 360 -19.30 -10.79 37.51
N SER A 361 -18.56 -9.71 37.80
CA SER A 361 -18.68 -8.46 37.08
C SER A 361 -17.30 -7.77 36.89
N VAL A 362 -17.27 -6.77 36.04
CA VAL A 362 -16.01 -6.13 35.65
C VAL A 362 -16.10 -4.65 35.97
N ARG A 363 -15.09 -4.12 36.68
CA ARG A 363 -14.94 -2.67 36.88
C ARG A 363 -14.34 -1.93 35.62
N VAL A 364 -15.11 -1.01 35.04
CA VAL A 364 -14.77 -0.32 33.79
C VAL A 364 -14.41 1.16 33.97
N VAL A 365 -13.28 1.63 33.40
CA VAL A 365 -12.95 3.08 33.36
C VAL A 365 -12.85 3.63 31.92
N VAL A 366 -13.66 4.64 31.61
CA VAL A 366 -13.77 5.19 30.24
C VAL A 366 -12.72 6.27 30.04
N ARG A 367 -11.98 6.21 28.94
CA ARG A 367 -10.75 7.01 28.78
C ARG A 367 -10.99 8.52 28.69
N ASP A 368 -11.98 8.96 27.90
CA ASP A 368 -12.14 10.40 27.64
C ASP A 368 -12.77 11.13 28.77
N ASN A 369 -13.58 10.48 29.61
CA ASN A 369 -14.19 11.17 30.72
C ASN A 369 -13.94 10.67 32.14
N MET A 370 -13.31 9.53 32.33
CA MET A 370 -13.03 9.03 33.69
C MET A 370 -14.25 8.46 34.44
N GLU A 371 -15.27 8.09 33.68
CA GLU A 371 -16.50 7.50 34.20
C GLU A 371 -16.25 6.06 34.64
N LYS A 372 -16.72 5.69 35.83
CA LYS A 372 -16.54 4.34 36.39
C LYS A 372 -17.87 3.64 36.37
N MET A 373 -17.85 2.33 36.12
CA MET A 373 -19.09 1.54 35.98
C MET A 373 -18.73 0.11 36.29
N ASP A 374 -19.70 -0.67 36.77
CA ASP A 374 -19.50 -2.10 37.02
C ASP A 374 -20.46 -2.78 36.08
N ILE A 375 -20.00 -3.81 35.39
CA ILE A 375 -20.86 -4.46 34.37
C ILE A 375 -20.82 -5.99 34.56
N PRO A 376 -21.99 -6.60 34.75
CA PRO A 376 -22.02 -8.04 34.78
C PRO A 376 -21.55 -8.61 33.45
N ILE A 377 -20.86 -9.75 33.56
CA ILE A 377 -20.31 -10.48 32.44
C ILE A 377 -21.34 -10.90 31.42
N SER A 378 -22.51 -11.33 31.88
CA SER A 378 -23.54 -11.83 30.95
C SER A 378 -24.17 -10.71 30.09
N GLU A 379 -23.89 -9.46 30.46
CA GLU A 379 -24.30 -8.29 29.69
C GLU A 379 -23.19 -7.71 28.78
N LEU A 380 -21.93 -8.10 28.97
CA LEU A 380 -20.89 -7.61 28.04
C LEU A 380 -21.27 -7.76 26.51
N GLU A 381 -21.73 -8.92 26.03
CA GLU A 381 -21.99 -9.10 24.58
C GLU A 381 -22.72 -7.90 23.99
N SER A 382 -23.71 -7.38 24.73
CA SER A 382 -24.59 -6.30 24.26
C SER A 382 -24.06 -4.89 24.55
N LYS A 383 -23.53 -4.74 25.76
CA LYS A 383 -23.26 -3.46 26.40
C LYS A 383 -21.98 -2.76 25.88
N ILE A 384 -20.94 -3.55 25.61
CA ILE A 384 -19.65 -2.97 25.24
C ILE A 384 -19.66 -2.43 23.82
N PRO A 385 -20.11 -3.23 22.84
CA PRO A 385 -20.26 -2.58 21.55
C PRO A 385 -20.99 -1.25 21.67
N LYS A 386 -22.06 -1.20 22.45
CA LYS A 386 -22.81 0.05 22.61
C LYS A 386 -22.11 1.23 23.37
N LEU A 387 -21.28 0.95 24.36
CA LEU A 387 -20.41 1.96 24.93
C LEU A 387 -19.39 2.50 23.90
N LEU A 388 -18.88 1.62 23.04
CA LEU A 388 -17.92 2.09 22.05
C LEU A 388 -18.58 3.05 21.04
N GLU A 389 -19.84 2.81 20.64
CA GLU A 389 -20.60 3.69 19.69
C GLU A 389 -20.90 5.04 20.35
N GLU A 390 -21.11 5.02 21.67
CA GLU A 390 -21.38 6.24 22.43
C GLU A 390 -20.13 7.14 22.53
N PHE A 391 -19.00 6.54 22.91
CA PHE A 391 -17.65 7.17 22.90
C PHE A 391 -17.37 7.84 21.52
N GLN A 392 -17.46 7.05 20.45
CA GLN A 392 -17.29 7.62 19.09
C GLN A 392 -18.16 8.85 18.86
N ASN A 393 -19.42 8.80 19.27
CA ASN A 393 -20.33 9.96 19.06
C ASN A 393 -20.07 11.13 19.98
N ARG A 394 -19.62 10.85 21.19
CA ARG A 394 -19.35 11.91 22.20
C ARG A 394 -18.15 12.68 21.73
N LEU A 395 -17.11 11.99 21.24
CA LEU A 395 -15.91 12.72 20.70
C LEU A 395 -16.23 13.70 19.55
N LEU A 396 -17.08 13.26 18.62
CA LEU A 396 -17.43 14.15 17.50
C LEU A 396 -18.32 15.21 18.03
N PHE A 397 -19.22 14.90 18.93
CA PHE A 397 -20.10 15.98 19.40
C PHE A 397 -19.31 17.06 20.16
N LYS A 398 -18.41 16.71 21.06
CA LYS A 398 -17.58 17.75 21.72
C LYS A 398 -16.67 18.52 20.77
N ALA A 399 -15.97 17.88 19.84
CA ALA A 399 -15.13 18.65 18.95
C ALA A 399 -15.91 19.63 18.12
N LYS A 400 -17.15 19.27 17.80
CA LYS A 400 -18.01 20.16 17.02
C LYS A 400 -18.46 21.38 17.81
N GLN A 401 -18.81 21.20 19.09
CA GLN A 401 -19.17 22.37 19.88
C GLN A 401 -17.97 23.33 19.96
N ARG A 402 -16.75 22.81 20.14
CA ARG A 402 -15.59 23.67 20.24
C ARG A 402 -15.35 24.32 18.88
N GLN A 403 -15.50 23.61 17.77
CA GLN A 403 -15.48 24.29 16.44
C GLN A 403 -16.46 25.47 16.28
N ASN A 404 -17.69 25.30 16.78
CA ASN A 404 -18.65 26.41 16.81
C ASN A 404 -18.27 27.60 17.70
N GLU A 405 -17.85 27.40 18.96
CA GLU A 405 -17.26 28.46 19.83
C GLU A 405 -16.14 29.29 19.12
N SER A 406 -15.45 28.65 18.19
CA SER A 406 -14.38 29.28 17.45
C SER A 406 -14.75 30.04 16.19
N ILE A 407 -16.03 30.15 15.85
CA ILE A 407 -16.37 30.91 14.61
C ILE A 407 -17.17 32.15 14.93
N ILE A 408 -16.60 33.32 14.64
CA ILE A 408 -17.23 34.58 15.01
C ILE A 408 -17.62 35.44 13.83
N ARG A 409 -18.89 35.76 13.74
CA ARG A 409 -19.35 36.65 12.71
C ARG A 409 -18.94 38.11 12.98
N VAL A 410 -18.35 38.72 11.96
CA VAL A 410 -17.97 40.12 11.92
C VAL A 410 -18.50 40.74 10.63
N ASP A 411 -18.93 41.99 10.67
CA ASP A 411 -19.39 42.68 9.44
C ASP A 411 -18.52 43.84 9.01
N THR A 412 -17.47 44.15 9.78
CA THR A 412 -16.47 45.16 9.37
C THR A 412 -15.10 44.85 9.96
N PHE A 413 -14.09 45.56 9.45
CA PHE A 413 -12.73 45.32 9.89
C PHE A 413 -12.34 45.48 11.37
N ASP A 414 -13.12 46.28 12.10
CA ASP A 414 -12.75 46.74 13.46
C ASP A 414 -12.64 45.67 14.53
N LYS A 415 -13.35 44.56 14.38
CA LYS A 415 -13.26 43.48 15.38
C LYS A 415 -12.24 42.38 15.02
N VAL A 416 -11.83 42.32 13.75
CA VAL A 416 -11.00 41.22 13.23
C VAL A 416 -9.74 40.81 14.08
N MET A 417 -8.84 41.76 14.28
CA MET A 417 -7.63 41.50 14.99
C MET A 417 -7.91 41.09 16.45
N ASP A 418 -8.87 41.74 17.13
CA ASP A 418 -9.25 41.30 18.47
C ASP A 418 -9.58 39.81 18.46
N THR A 419 -10.38 39.36 17.49
CA THR A 419 -10.82 37.94 17.45
C THR A 419 -9.79 36.94 16.91
N LEU A 420 -8.98 37.31 15.92
CA LEU A 420 -7.83 36.43 15.60
C LEU A 420 -6.95 36.27 16.84
N ASN A 421 -6.74 37.31 17.64
CA ASN A 421 -5.91 37.15 18.85
C ASN A 421 -6.59 36.40 20.00
N GLN A 422 -7.90 36.21 19.96
CA GLN A 422 -8.54 35.24 20.87
C GLN A 422 -8.38 33.80 20.32
N LYS A 423 -7.55 33.60 19.30
CA LYS A 423 -7.45 32.32 18.63
C LYS A 423 -8.73 31.83 17.88
N LYS A 424 -9.34 32.71 17.05
CA LYS A 424 -10.58 32.30 16.33
C LYS A 424 -10.58 32.54 14.84
N MET A 425 -11.65 32.06 14.21
CA MET A 425 -11.85 32.19 12.79
C MET A 425 -12.90 33.21 12.66
N VAL A 426 -13.02 33.76 11.46
CA VAL A 426 -13.89 34.83 11.22
C VAL A 426 -14.85 34.45 10.09
N ILE A 427 -16.15 34.71 10.28
CA ILE A 427 -17.04 34.62 9.14
C ILE A 427 -17.51 36.03 8.82
N ALA A 428 -17.39 36.42 7.55
CA ALA A 428 -17.58 37.80 7.16
C ALA A 428 -18.09 37.89 5.70
N PRO A 429 -18.98 38.84 5.41
CA PRO A 429 -19.44 39.00 4.04
C PRO A 429 -18.27 39.59 3.21
N TRP A 430 -18.14 39.21 1.95
CA TRP A 430 -16.91 39.43 1.21
C TRP A 430 -17.20 39.45 -0.28
N CYS A 431 -16.38 40.22 -0.98
CA CYS A 431 -16.52 40.52 -2.37
C CYS A 431 -15.76 39.47 -3.22
N GLU A 432 -14.78 38.74 -2.62
CA GLU A 432 -14.09 37.60 -3.27
C GLU A 432 -13.05 38.00 -4.35
N ASP A 433 -12.86 39.29 -4.60
CA ASP A 433 -11.75 39.70 -5.43
C ASP A 433 -10.35 39.33 -4.86
N VAL A 434 -9.50 38.90 -5.79
CA VAL A 434 -8.12 38.60 -5.58
C VAL A 434 -7.36 39.76 -4.91
N SER A 435 -7.58 40.99 -5.39
CA SER A 435 -6.92 42.22 -4.85
C SER A 435 -7.34 42.51 -3.42
N CYS A 436 -8.64 42.28 -3.16
CA CYS A 436 -9.18 42.43 -1.88
C CYS A 436 -8.42 41.42 -0.99
N GLU A 437 -8.27 40.15 -1.43
CA GLU A 437 -7.64 39.12 -0.60
C GLU A 437 -6.18 39.43 -0.33
N GLU A 438 -5.47 39.88 -1.35
CA GLU A 438 -4.07 40.24 -1.17
C GLU A 438 -3.94 41.37 -0.13
N GLU A 439 -4.84 42.34 -0.13
CA GLU A 439 -4.75 43.44 0.87
C GLU A 439 -5.03 42.98 2.30
N ILE A 440 -5.98 42.06 2.44
CA ILE A 440 -6.37 41.56 3.75
C ILE A 440 -5.18 40.89 4.43
N LYS A 441 -4.47 40.12 3.61
CA LYS A 441 -3.22 39.48 3.94
C LYS A 441 -2.13 40.44 4.41
N LYS A 442 -1.82 41.45 3.58
CA LYS A 442 -0.80 42.48 3.90
C LYS A 442 -1.14 43.19 5.21
N GLU A 443 -2.40 43.62 5.35
CA GLU A 443 -2.87 44.37 6.51
C GLU A 443 -2.82 43.54 7.76
N THR A 444 -3.31 42.30 7.69
CA THR A 444 -3.37 41.49 8.92
C THR A 444 -1.99 41.15 9.43
N ALA A 445 -1.11 40.83 8.49
CA ALA A 445 0.32 40.65 8.75
C ALA A 445 0.96 41.87 9.44
N ARG A 446 0.86 43.04 8.79
CA ARG A 446 1.33 44.30 9.37
C ARG A 446 0.84 44.47 10.81
N LEU A 447 -0.42 44.14 11.07
CA LEU A 447 -1.07 44.57 12.28
C LEU A 447 -0.88 43.59 13.44
N SER A 448 -0.16 42.48 13.25
CA SER A 448 -0.15 41.45 14.30
C SER A 448 1.11 41.42 15.18
N GLY A 459 1.61 35.36 10.69
CA GLY A 459 0.53 36.16 11.35
C GLY A 459 -0.70 36.56 10.49
N ALA A 460 -0.50 36.58 9.17
CA ALA A 460 -1.52 36.88 8.21
C ALA A 460 -2.72 35.96 8.28
N MET A 461 -3.85 36.52 7.84
CA MET A 461 -5.13 35.89 7.81
C MET A 461 -5.46 35.69 6.34
N LYS A 462 -5.95 34.53 5.95
CA LYS A 462 -6.36 34.33 4.56
C LYS A 462 -7.72 33.68 4.57
N SER A 463 -8.31 33.68 3.38
CA SER A 463 -9.51 32.97 3.13
C SER A 463 -9.23 31.49 3.16
N LEU A 464 -10.14 30.78 3.80
CA LEU A 464 -10.00 29.35 4.05
C LEU A 464 -10.95 28.65 3.09
N CYS A 465 -12.25 28.95 3.21
CA CYS A 465 -13.22 28.60 2.20
C CYS A 465 -14.47 29.40 2.34
N ILE A 466 -15.19 29.38 1.23
CA ILE A 466 -16.52 29.94 1.14
C ILE A 466 -17.47 28.76 1.48
N PRO A 467 -17.99 28.66 2.72
CA PRO A 467 -18.80 27.45 3.05
C PRO A 467 -19.98 27.20 2.08
N ASN A 468 -20.11 25.95 1.62
CA ASN A 468 -21.28 25.44 0.85
C ASN A 468 -22.59 25.79 1.55
N ASP A 469 -22.56 25.66 2.89
CA ASP A 469 -23.68 25.97 3.83
C ASP A 469 -23.61 27.41 4.46
N GLN A 470 -24.46 28.29 3.91
CA GLN A 470 -24.52 29.73 4.21
C GLN A 470 -25.59 30.04 5.22
N ILE A 471 -25.20 30.07 6.49
CA ILE A 471 -26.15 30.13 7.61
C ILE A 471 -26.58 31.59 7.91
N PHE A 472 -26.23 32.51 7.00
CA PHE A 472 -26.30 33.94 7.20
C PHE A 472 -26.54 34.62 5.84
N LYS A 473 -27.40 35.64 5.83
CA LYS A 473 -28.05 36.14 4.58
C LYS A 473 -27.47 37.45 4.06
N ILE A 474 -27.40 37.55 2.73
CA ILE A 474 -26.97 38.72 1.99
C ILE A 474 -28.23 39.46 1.55
N GLU A 475 -28.52 40.63 2.13
CA GLU A 475 -29.58 41.54 1.61
C GLU A 475 -29.20 42.08 0.22
N GLU A 476 -29.93 41.68 -0.82
CA GLU A 476 -29.58 41.94 -2.25
C GLU A 476 -29.29 43.43 -2.51
N GLY A 477 -28.05 43.73 -2.91
CA GLY A 477 -27.64 45.12 -3.23
C GLY A 477 -27.43 46.12 -2.10
N LYS A 478 -27.55 45.69 -0.83
CA LYS A 478 -27.27 46.55 0.35
C LYS A 478 -25.97 46.17 1.15
N THR A 479 -25.63 44.88 1.21
CA THR A 479 -24.57 44.42 2.10
C THR A 479 -23.14 44.60 1.51
N LYS A 480 -22.26 45.23 2.29
CA LYS A 480 -20.89 45.54 1.83
C LYS A 480 -19.83 44.52 2.24
N CYS A 481 -18.81 44.34 1.38
CA CYS A 481 -17.55 43.70 1.80
C CYS A 481 -17.14 44.20 3.24
N PHE A 482 -16.61 43.33 4.07
CA PHE A 482 -16.18 43.76 5.40
C PHE A 482 -14.89 44.59 5.39
N PHE A 483 -14.22 44.57 4.23
CA PHE A 483 -12.91 45.23 3.96
C PHE A 483 -12.93 46.24 2.74
N CYS A 484 -13.16 45.71 1.54
CA CYS A 484 -13.26 46.55 0.36
C CYS A 484 -14.56 47.37 0.43
N ASP A 485 -14.75 48.27 -0.54
CA ASP A 485 -15.96 49.09 -0.52
C ASP A 485 -17.12 48.45 -1.32
N LYS A 486 -16.81 47.41 -2.08
CA LYS A 486 -17.76 46.76 -2.94
C LYS A 486 -18.88 46.01 -2.23
N LEU A 487 -19.88 45.64 -3.00
CA LEU A 487 -20.94 44.74 -2.51
C LEU A 487 -20.43 43.29 -2.28
N ALA A 488 -20.88 42.65 -1.19
CA ALA A 488 -20.58 41.22 -0.90
C ALA A 488 -21.27 40.21 -1.77
N LYS A 489 -20.56 39.17 -2.17
CA LYS A 489 -21.18 38.06 -2.90
C LYS A 489 -21.77 37.02 -1.92
N LYS A 490 -21.11 36.80 -0.80
CA LYS A 490 -21.49 35.71 0.10
C LYS A 490 -20.71 35.87 1.36
N PHE A 491 -20.97 34.99 2.33
CA PHE A 491 -20.16 34.89 3.50
C PHE A 491 -19.00 33.95 3.29
N THR A 492 -17.87 34.25 3.96
CA THR A 492 -16.62 33.54 3.77
C THR A 492 -15.88 33.42 5.06
N LEU A 493 -15.16 32.30 5.18
CA LEU A 493 -14.47 31.96 6.42
C LEU A 493 -13.02 32.33 6.23
N PHE A 494 -12.48 33.02 7.23
CA PHE A 494 -11.15 33.55 7.21
C PHE A 494 -10.51 33.11 8.51
N GLY A 495 -9.17 33.02 8.46
CA GLY A 495 -8.34 32.77 9.64
C GLY A 495 -6.85 32.61 9.29
N ARG A 496 -6.07 32.35 10.32
CA ARG A 496 -4.63 32.05 10.18
C ARG A 496 -4.49 30.57 9.99
N SER A 497 -3.57 30.18 9.15
CA SER A 497 -3.48 28.82 8.63
C SER A 497 -2.28 28.17 9.20
N TYR A 498 -2.34 26.90 9.52
CA TYR A 498 -1.11 26.13 9.68
C TYR A 498 -0.34 26.22 8.36
N MET B 3 -7.08 -7.06 -32.30
CA MET B 3 -5.75 -7.72 -32.53
C MET B 3 -5.49 -8.90 -31.53
N GLY B 4 -4.84 -9.94 -32.06
CA GLY B 4 -4.49 -11.14 -31.34
C GLY B 4 -2.99 -11.23 -31.30
N ILE B 5 -2.50 -12.39 -30.93
CA ILE B 5 -1.10 -12.53 -30.64
C ILE B 5 -0.43 -13.14 -31.84
N THR B 6 0.56 -12.44 -32.36
CA THR B 6 1.23 -12.82 -33.57
C THR B 6 2.69 -13.27 -33.34
N ALA B 7 3.01 -13.69 -32.12
CA ALA B 7 4.31 -14.32 -31.87
C ALA B 7 4.10 -15.60 -31.12
N ASP B 8 4.99 -16.56 -31.41
CA ASP B 8 4.94 -17.89 -30.88
C ASP B 8 5.77 -17.94 -29.60
N LYS B 9 5.19 -18.55 -28.56
CA LYS B 9 5.77 -18.58 -27.22
C LYS B 9 7.14 -19.19 -27.25
N ILE B 10 7.22 -20.40 -27.80
CA ILE B 10 8.48 -21.15 -27.98
C ILE B 10 9.56 -20.51 -28.90
N THR B 11 9.25 -20.13 -30.15
CA THR B 11 10.34 -19.67 -31.08
C THR B 11 10.62 -18.18 -31.04
N SER B 12 9.68 -17.39 -30.54
CA SER B 12 9.83 -15.90 -30.40
C SER B 12 9.45 -15.35 -28.97
N PHE B 13 10.02 -15.93 -27.91
CA PHE B 13 9.53 -15.69 -26.54
C PHE B 13 9.52 -14.23 -26.18
N ALA B 14 10.60 -13.53 -26.44
CA ALA B 14 10.59 -12.09 -26.07
C ALA B 14 9.42 -11.31 -26.65
N ASP B 15 9.21 -11.43 -27.97
CA ASP B 15 8.11 -10.74 -28.65
C ASP B 15 6.76 -11.19 -28.15
N TRP B 16 6.59 -12.49 -28.00
CA TRP B 16 5.39 -13.08 -27.33
C TRP B 16 5.05 -12.42 -25.98
N TYR B 17 6.05 -12.28 -25.11
CA TYR B 17 5.75 -11.88 -23.71
C TYR B 17 5.29 -10.44 -23.78
N SER B 18 5.95 -9.65 -24.62
CA SER B 18 5.64 -8.22 -24.75
C SER B 18 4.23 -7.97 -25.29
N GLN B 19 3.88 -8.64 -26.36
CA GLN B 19 2.52 -8.53 -26.92
C GLN B 19 1.46 -8.93 -25.91
N VAL B 20 1.71 -10.00 -25.18
CA VAL B 20 0.71 -10.47 -24.21
C VAL B 20 0.45 -9.46 -23.09
N ILE B 21 1.48 -8.76 -22.60
CA ILE B 21 1.27 -7.88 -21.44
C ILE B 21 0.75 -6.53 -21.89
N VAL B 22 1.14 -6.11 -23.10
CA VAL B 22 0.61 -4.87 -23.67
C VAL B 22 -0.85 -5.00 -24.19
N LYS B 23 -1.19 -6.01 -24.98
CA LYS B 23 -2.56 -6.11 -25.53
C LYS B 23 -3.58 -6.48 -24.48
N SER B 24 -3.16 -7.29 -23.51
CA SER B 24 -4.00 -7.56 -22.31
C SER B 24 -4.32 -6.34 -21.49
N GLU B 25 -3.61 -5.23 -21.72
CA GLU B 25 -3.71 -4.00 -20.91
C GLU B 25 -3.19 -4.21 -19.46
N MET B 26 -2.22 -5.05 -19.28
CA MET B 26 -1.51 -5.14 -17.96
C MET B 26 -0.43 -4.08 -17.69
N ILE B 27 0.24 -3.63 -18.73
CA ILE B 27 1.49 -2.91 -18.62
C ILE B 27 1.44 -1.83 -19.68
N GLU B 28 2.13 -0.71 -19.45
CA GLU B 28 2.41 0.31 -20.47
C GLU B 28 3.86 0.63 -20.30
N TYR B 29 4.60 0.69 -21.42
CA TYR B 29 6.01 1.15 -21.42
C TYR B 29 6.07 2.67 -21.13
N TYR B 30 7.14 3.08 -20.48
CA TYR B 30 7.29 4.45 -20.00
C TYR B 30 8.63 4.94 -20.57
N ASP B 31 8.89 6.21 -20.59
CA ASP B 31 10.13 6.72 -21.22
C ASP B 31 11.37 6.86 -20.30
N ILE B 32 11.40 6.16 -19.19
CA ILE B 32 12.64 5.92 -18.48
C ILE B 32 12.87 4.42 -18.48
N SER B 33 14.03 3.99 -18.93
CA SER B 33 14.27 2.57 -19.08
C SER B 33 14.04 1.81 -17.76
N GLY B 34 13.45 0.60 -17.83
CA GLY B 34 13.29 -0.31 -16.70
C GLY B 34 12.09 -0.02 -15.78
N CYS B 35 11.27 0.96 -16.12
CA CYS B 35 10.13 1.39 -15.36
C CYS B 35 8.93 1.10 -16.21
N TYR B 36 7.90 0.49 -15.63
CA TYR B 36 6.72 0.07 -16.35
C TYR B 36 5.46 0.48 -15.56
N ILE B 37 4.36 0.87 -16.23
CA ILE B 37 3.16 1.27 -15.52
C ILE B 37 2.36 0.00 -15.32
N LEU B 38 1.80 -0.16 -14.13
CA LEU B 38 0.94 -1.26 -13.85
C LEU B 38 -0.50 -0.76 -13.96
N ARG B 39 -1.17 -1.09 -15.05
CA ARG B 39 -2.57 -0.72 -15.23
C ARG B 39 -3.41 -1.64 -14.32
N PRO B 40 -4.70 -1.32 -14.13
CA PRO B 40 -5.52 -2.07 -13.16
C PRO B 40 -5.55 -3.60 -13.33
N TRP B 41 -5.48 -4.06 -14.59
CA TRP B 41 -5.60 -5.48 -14.83
C TRP B 41 -4.48 -6.28 -14.13
N SER B 42 -3.26 -5.76 -14.10
CA SER B 42 -2.17 -6.40 -13.33
C SER B 42 -2.10 -5.92 -11.87
N TYR B 43 -2.42 -4.65 -11.62
CA TYR B 43 -2.35 -4.14 -10.25
C TYR B 43 -3.32 -4.97 -9.38
N PHE B 44 -4.44 -5.42 -9.96
CA PHE B 44 -5.42 -6.23 -9.19
C PHE B 44 -4.77 -7.52 -8.65
N ILE B 45 -3.84 -8.06 -9.40
CA ILE B 45 -3.19 -9.28 -9.01
C ILE B 45 -2.21 -8.99 -7.84
N TRP B 46 -1.53 -7.84 -7.85
CA TRP B 46 -0.65 -7.47 -6.76
C TRP B 46 -1.44 -7.26 -5.46
N GLU B 47 -2.59 -6.56 -5.58
CA GLU B 47 -3.52 -6.33 -4.44
C GLU B 47 -3.98 -7.65 -3.78
N THR B 48 -4.37 -8.61 -4.60
CA THR B 48 -4.74 -9.93 -4.12
C THR B 48 -3.55 -10.60 -3.35
N ILE B 49 -2.33 -10.54 -3.92
CA ILE B 49 -1.17 -11.07 -3.27
C ILE B 49 -0.94 -10.39 -1.89
N GLN B 50 -1.08 -9.07 -1.86
CA GLN B 50 -0.96 -8.27 -0.68
C GLN B 50 -1.89 -8.74 0.42
N SER B 51 -3.13 -9.03 0.07
CA SER B 51 -4.07 -9.26 1.12
C SER B 51 -3.95 -10.68 1.65
N VAL B 52 -3.74 -11.63 0.77
CA VAL B 52 -3.48 -12.99 1.22
C VAL B 52 -2.21 -13.15 2.10
N PHE B 53 -1.08 -12.52 1.73
CA PHE B 53 0.17 -12.59 2.50
C PHE B 53 0.06 -11.86 3.85
N ASP B 54 -0.65 -10.74 3.86
CA ASP B 54 -0.89 -9.93 5.03
C ASP B 54 -1.60 -10.73 6.13
N GLN B 55 -2.70 -11.34 5.75
CA GLN B 55 -3.44 -12.20 6.64
C GLN B 55 -2.57 -13.34 7.21
N LYS B 56 -1.79 -14.03 6.39
CA LYS B 56 -0.89 -15.07 6.91
C LYS B 56 0.13 -14.59 7.98
N ILE B 57 0.79 -13.46 7.77
CA ILE B 57 1.83 -13.05 8.68
C ILE B 57 1.23 -12.50 9.98
N LYS B 58 0.03 -11.94 9.86
CA LYS B 58 -0.73 -11.55 11.03
C LYS B 58 -1.04 -12.72 11.96
N GLN B 59 -1.22 -13.92 11.44
CA GLN B 59 -1.36 -15.07 12.33
C GLN B 59 -0.07 -15.38 13.13
N HIS B 60 1.11 -14.98 12.64
CA HIS B 60 2.36 -15.09 13.42
C HIS B 60 2.80 -13.78 14.05
N ASP B 61 1.87 -12.84 14.25
CA ASP B 61 2.12 -11.61 15.00
C ASP B 61 3.03 -10.58 14.35
N VAL B 62 3.20 -10.64 13.01
CA VAL B 62 3.98 -9.56 12.35
C VAL B 62 3.11 -8.32 12.30
N GLN B 63 3.70 -7.15 12.57
CA GLN B 63 3.01 -5.85 12.55
C GLN B 63 3.55 -5.02 11.40
N ASN B 64 2.67 -4.26 10.76
CA ASN B 64 3.07 -3.39 9.65
C ASN B 64 3.46 -2.01 10.12
N ALA B 65 4.43 -1.42 9.38
CA ALA B 65 4.97 -0.09 9.72
C ALA B 65 5.39 0.56 8.48
N TYR B 66 5.82 1.82 8.54
CA TYR B 66 6.36 2.41 7.33
C TYR B 66 7.54 3.30 7.62
N PHE B 67 8.74 2.93 7.15
CA PHE B 67 9.95 3.74 7.39
C PHE B 67 10.26 4.63 6.18
N PRO B 68 11.19 5.57 6.35
CA PRO B 68 11.35 6.53 5.24
C PRO B 68 12.01 6.03 3.96
N ILE B 69 11.79 6.76 2.87
CA ILE B 69 12.38 6.37 1.62
C ILE B 69 13.86 6.75 1.51
N PHE B 70 14.29 7.75 2.24
CA PHE B 70 15.64 8.26 2.13
C PHE B 70 16.57 7.68 3.21
N VAL B 71 17.87 7.61 2.90
CA VAL B 71 18.88 7.32 3.87
C VAL B 71 20.17 8.11 3.59
N THR B 72 20.87 8.51 4.66
CA THR B 72 22.08 9.32 4.52
C THR B 72 23.20 8.43 4.07
N GLN B 73 24.15 8.98 3.33
CA GLN B 73 25.30 8.16 2.92
C GLN B 73 26.08 7.66 4.09
N LYS B 74 26.17 8.45 5.15
CA LYS B 74 26.80 7.98 6.35
C LYS B 74 26.21 6.61 6.80
N LYS B 75 24.89 6.54 6.99
CA LYS B 75 24.25 5.29 7.43
C LYS B 75 24.25 4.19 6.42
N LEU B 76 24.24 4.52 5.13
CA LEU B 76 24.19 3.50 4.09
C LEU B 76 25.56 2.82 3.99
N GLU B 77 26.61 3.62 4.10
CA GLU B 77 27.96 3.05 4.02
C GLU B 77 28.50 2.46 5.35
N THR B 78 27.62 2.02 6.25
CA THR B 78 28.03 1.15 7.36
C THR B 78 28.12 -0.36 6.92
N GLU B 79 27.20 -0.85 6.07
CA GLU B 79 27.32 -2.20 5.48
C GLU B 79 28.11 -2.12 4.16
N PHE B 86 27.45 -3.52 -4.32
CA PHE B 86 26.24 -2.78 -3.94
C PHE B 86 26.40 -1.22 -3.94
N SER B 87 27.59 -0.69 -4.23
CA SER B 87 27.78 0.79 -4.40
C SER B 87 27.20 1.37 -5.73
N PRO B 88 27.60 0.83 -6.94
CA PRO B 88 27.24 1.32 -8.34
C PRO B 88 25.74 1.32 -8.83
N GLU B 89 24.84 0.84 -7.97
CA GLU B 89 23.50 0.47 -8.35
C GLU B 89 22.48 1.39 -7.55
N VAL B 90 22.96 2.13 -6.54
CA VAL B 90 22.13 3.04 -5.76
C VAL B 90 21.87 4.41 -6.43
N ALA B 91 20.62 4.88 -6.38
CA ALA B 91 20.21 6.20 -6.89
C ALA B 91 20.34 7.35 -5.86
N TRP B 92 21.08 8.41 -6.20
CA TRP B 92 21.40 9.54 -5.31
C TRP B 92 20.66 10.85 -5.65
N VAL B 93 20.03 11.49 -4.62
CA VAL B 93 19.47 12.83 -4.71
C VAL B 93 20.51 13.87 -4.26
N THR B 94 20.85 14.78 -5.18
CA THR B 94 21.91 15.76 -4.96
C THR B 94 21.42 17.19 -4.91
N LYS B 95 20.16 17.41 -5.30
CA LYS B 95 19.57 18.73 -5.52
C LYS B 95 18.13 18.78 -5.05
N SER B 96 17.72 19.90 -4.42
CA SER B 96 16.32 20.32 -4.43
C SER B 96 16.21 21.63 -5.19
N GLY B 97 15.17 21.76 -6.01
CA GLY B 97 15.11 22.82 -7.04
C GLY B 97 16.39 22.87 -7.86
N LYS B 98 16.96 24.06 -8.04
CA LYS B 98 18.26 24.18 -8.73
C LYS B 98 19.47 24.10 -7.81
N SER B 99 19.26 24.25 -6.50
CA SER B 99 20.40 24.29 -5.56
C SER B 99 20.86 22.91 -5.06
N ASP B 100 22.17 22.64 -5.16
CA ASP B 100 22.80 21.45 -4.54
C ASP B 100 22.50 21.24 -3.05
N LEU B 101 22.38 19.99 -2.65
CA LEU B 101 22.20 19.69 -1.28
C LEU B 101 23.56 19.67 -0.60
N ALA B 102 23.58 20.08 0.68
CA ALA B 102 24.76 19.99 1.56
C ALA B 102 25.45 18.63 1.45
N GLU B 103 24.64 17.59 1.62
CA GLU B 103 25.08 16.22 1.37
C GLU B 103 24.01 15.40 0.66
N PRO B 104 24.45 14.53 -0.27
CA PRO B 104 23.57 13.62 -0.99
C PRO B 104 22.82 12.59 -0.12
N ILE B 105 21.64 12.19 -0.57
CA ILE B 105 20.86 11.17 0.14
C ILE B 105 20.37 10.14 -0.83
N ALA B 106 20.31 8.90 -0.36
CA ALA B 106 20.02 7.77 -1.18
C ALA B 106 18.57 7.36 -1.07
N ILE B 107 17.95 7.09 -2.24
CA ILE B 107 16.73 6.38 -2.28
C ILE B 107 16.96 4.95 -1.89
N ARG B 108 16.09 4.50 -1.02
CA ARG B 108 16.10 3.16 -0.48
C ARG B 108 16.19 1.96 -1.43
N PRO B 109 17.24 1.19 -1.29
CA PRO B 109 17.44 -0.01 -2.07
C PRO B 109 17.05 -1.28 -1.33
N THR B 110 16.92 -1.16 -0.03
CA THR B 110 16.58 -2.12 1.02
C THR B 110 16.67 -1.33 2.36
N SER B 111 16.00 -1.82 3.39
CA SER B 111 15.91 -1.08 4.61
C SER B 111 16.69 -1.42 5.86
N GLU B 112 17.63 -2.31 5.82
CA GLU B 112 18.41 -2.68 7.02
C GLU B 112 19.03 -1.48 7.74
N THR B 113 19.66 -0.60 6.96
CA THR B 113 20.42 0.55 7.48
C THR B 113 19.55 1.72 7.91
N ILE B 114 18.28 1.64 7.49
CA ILE B 114 17.23 2.55 7.88
C ILE B 114 16.60 2.02 9.20
N MET B 115 16.40 0.68 9.31
CA MET B 115 15.61 0.11 10.40
C MET B 115 16.43 -0.24 11.65
N TYR B 116 17.62 -0.80 11.47
CA TYR B 116 18.34 -1.43 12.54
C TYR B 116 18.90 -0.51 13.62
N PRO B 117 19.32 0.70 13.24
CA PRO B 117 19.63 1.61 14.36
C PRO B 117 18.46 1.86 15.32
N TYR B 118 17.21 1.74 14.84
CA TYR B 118 16.03 1.93 15.70
C TYR B 118 15.67 0.64 16.43
N PHE B 119 16.00 -0.50 15.83
CA PHE B 119 15.86 -1.75 16.58
C PHE B 119 16.80 -1.69 17.83
N ALA B 120 18.00 -1.12 17.68
CA ALA B 120 18.96 -1.07 18.78
C ALA B 120 18.41 -0.26 19.96
N LYS B 121 17.70 0.80 19.67
CA LYS B 121 17.08 1.72 20.62
C LYS B 121 15.82 1.18 21.33
N TRP B 122 15.01 0.41 20.62
CA TRP B 122 13.77 -0.15 21.15
C TRP B 122 13.96 -1.44 21.92
N ILE B 123 15.04 -2.15 21.67
CA ILE B 123 15.23 -3.42 22.29
C ILE B 123 16.18 -3.26 23.49
N ARG B 124 15.68 -3.45 24.73
CA ARG B 124 16.57 -3.46 25.93
C ARG B 124 16.59 -4.80 26.70
N SER B 125 15.45 -5.45 26.82
CA SER B 125 15.26 -6.65 27.62
C SER B 125 14.63 -7.78 26.80
N HIS B 126 14.82 -9.05 27.20
CA HIS B 126 14.11 -10.19 26.55
C HIS B 126 12.58 -10.05 26.54
N ARG B 127 12.08 -9.16 27.38
CA ARG B 127 10.64 -8.85 27.44
C ARG B 127 10.19 -8.09 26.19
N ASP B 128 11.11 -7.37 25.55
CA ASP B 128 10.85 -6.72 24.26
C ASP B 128 10.97 -7.69 23.05
N LEU B 129 11.16 -9.00 23.27
CA LEU B 129 11.26 -9.95 22.14
C LEU B 129 10.15 -10.99 22.12
N PRO B 130 9.78 -11.46 20.93
CA PRO B 130 10.35 -11.08 19.63
C PRO B 130 9.76 -9.79 19.13
N LEU B 131 10.54 -9.07 18.32
CA LEU B 131 10.12 -7.94 17.56
C LEU B 131 9.92 -8.37 16.05
N LYS B 132 8.74 -8.11 15.49
CA LYS B 132 8.40 -8.57 14.13
C LYS B 132 7.75 -7.48 13.33
N ILE B 133 8.48 -6.99 12.33
CA ILE B 133 8.06 -5.84 11.56
C ILE B 133 7.99 -6.17 10.05
N ASN B 134 7.01 -5.64 9.35
CA ASN B 134 6.88 -5.82 7.87
C ASN B 134 6.59 -4.46 7.25
N GLN B 135 7.15 -4.14 6.10
CA GLN B 135 6.57 -3.03 5.36
C GLN B 135 6.32 -3.29 3.90
N TRP B 136 5.23 -2.79 3.37
CA TRP B 136 4.98 -2.80 1.89
C TRP B 136 5.47 -1.46 1.34
N THR B 137 6.34 -1.48 0.33
CA THR B 137 6.98 -0.27 -0.20
C THR B 137 7.37 -0.45 -1.68
N SER B 138 7.83 0.62 -2.27
CA SER B 138 8.58 0.58 -3.45
C SER B 138 10.09 0.71 -3.16
N ILE B 139 10.86 0.14 -4.07
CA ILE B 139 12.29 0.07 -4.05
C ILE B 139 12.86 0.50 -5.45
N VAL B 140 14.00 1.19 -5.42
CA VAL B 140 14.73 1.51 -6.60
C VAL B 140 16.11 0.97 -6.53
N ARG B 141 16.54 0.40 -7.63
CA ARG B 141 17.91 -0.11 -7.81
C ARG B 141 18.28 0.10 -9.24
N TRP B 142 19.42 0.70 -9.47
CA TRP B 142 19.84 1.03 -10.86
C TRP B 142 20.53 -0.17 -11.46
N GLU B 143 19.72 -1.07 -12.07
CA GLU B 143 20.18 -2.35 -12.64
C GLU B 143 21.10 -2.11 -13.83
N PHE B 144 22.15 -2.92 -13.91
CA PHE B 144 23.09 -2.88 -15.01
C PHE B 144 22.66 -3.90 -16.08
N LYS B 145 22.16 -5.05 -15.65
CA LYS B 145 21.58 -6.04 -16.55
C LYS B 145 20.34 -5.51 -17.28
N HIS B 146 20.10 -5.98 -18.49
CA HIS B 146 18.92 -5.58 -19.26
C HIS B 146 17.60 -5.81 -18.48
N PRO B 147 16.73 -4.82 -18.47
CA PRO B 147 15.44 -4.93 -17.81
C PRO B 147 14.38 -5.74 -18.61
N THR B 148 13.41 -6.29 -17.85
CA THR B 148 12.29 -7.04 -18.33
C THR B 148 11.13 -6.74 -17.40
N PRO B 149 9.94 -6.51 -17.97
CA PRO B 149 8.73 -6.27 -17.16
C PRO B 149 8.44 -7.38 -16.12
N PHE B 150 8.07 -6.95 -14.90
CA PHE B 150 7.94 -7.79 -13.68
C PHE B 150 9.20 -8.44 -13.16
N ILE B 151 9.95 -9.09 -14.03
CA ILE B 151 11.07 -9.89 -13.61
C ILE B 151 12.28 -9.13 -13.05
N ARG B 152 12.65 -8.02 -13.71
CA ARG B 152 13.81 -7.22 -13.38
CA ARG B 152 13.81 -7.21 -13.38
C ARG B 152 13.53 -5.79 -13.85
N THR B 153 13.00 -4.97 -12.95
CA THR B 153 12.65 -3.58 -13.17
C THR B 153 13.46 -2.67 -12.24
N ARG B 154 13.63 -1.39 -12.62
CA ARG B 154 14.38 -0.40 -11.89
C ARG B 154 13.70 0.01 -10.61
N GLU B 155 12.40 0.31 -10.72
CA GLU B 155 11.50 0.47 -9.61
C GLU B 155 10.67 -0.75 -9.57
N PHE B 156 10.57 -1.37 -8.39
CA PHE B 156 9.64 -2.47 -8.11
C PHE B 156 8.94 -2.31 -6.79
N LEU B 157 7.77 -2.97 -6.64
CA LEU B 157 7.05 -3.02 -5.32
C LEU B 157 7.35 -4.32 -4.57
N TRP B 158 7.35 -4.29 -3.23
CA TRP B 158 7.61 -5.49 -2.47
C TRP B 158 7.09 -5.42 -1.03
N GLN B 159 7.21 -6.50 -0.30
CA GLN B 159 7.17 -6.44 1.18
C GLN B 159 8.54 -6.86 1.66
N GLU B 160 9.01 -6.20 2.70
CA GLU B 160 10.24 -6.64 3.42
C GLU B 160 9.91 -6.84 4.86
N GLY B 161 10.17 -8.08 5.31
CA GLY B 161 9.98 -8.45 6.69
C GLY B 161 11.35 -8.54 7.41
N HIS B 162 11.36 -8.14 8.69
CA HIS B 162 12.60 -7.99 9.52
C HIS B 162 12.23 -8.40 11.01
N THR B 163 12.80 -9.48 11.53
CA THR B 163 12.46 -9.92 12.89
C THR B 163 13.66 -9.98 13.83
N ALA B 164 13.34 -10.05 15.12
CA ALA B 164 14.43 -10.24 16.14
C ALA B 164 13.98 -11.10 17.29
N HIS B 165 14.83 -12.08 17.64
CA HIS B 165 14.50 -13.09 18.60
C HIS B 165 15.63 -13.25 19.66
N SER B 166 15.31 -13.92 20.76
CA SER B 166 16.27 -14.07 21.90
C SER B 166 17.15 -15.34 21.76
N THR B 167 16.69 -16.30 20.93
CA THR B 167 17.48 -17.45 20.48
C THR B 167 17.53 -17.72 18.96
N ARG B 168 18.57 -18.44 18.55
CA ARG B 168 18.74 -18.81 17.16
C ARG B 168 17.65 -19.80 16.73
N LYS B 169 17.24 -20.68 17.65
CA LYS B 169 16.20 -21.65 17.32
C LYS B 169 14.93 -20.98 16.86
N GLU B 170 14.62 -19.88 17.51
CA GLU B 170 13.32 -19.28 17.29
C GLU B 170 13.42 -18.44 16.00
N ALA B 171 14.62 -17.91 15.74
CA ALA B 171 14.82 -17.13 14.55
C ALA B 171 14.75 -18.04 13.31
N LEU B 172 15.36 -19.23 13.39
CA LEU B 172 15.33 -20.21 12.34
C LEU B 172 13.94 -20.81 12.14
N GLU B 173 13.20 -21.05 13.21
CA GLU B 173 11.83 -21.46 13.00
C GLU B 173 11.07 -20.43 12.11
N MET B 174 11.35 -19.14 12.30
CA MET B 174 10.60 -18.10 11.66
C MET B 174 10.98 -18.05 10.15
N VAL B 175 12.28 -18.21 9.87
CA VAL B 175 12.77 -18.30 8.53
C VAL B 175 11.98 -19.37 7.76
N ASP B 176 11.83 -20.55 8.36
CA ASP B 176 11.12 -21.68 7.71
C ASP B 176 9.62 -21.46 7.54
N ILE B 177 8.99 -20.87 8.54
CA ILE B 177 7.58 -20.49 8.41
C ILE B 177 7.33 -19.53 7.23
N ILE B 178 8.22 -18.55 7.03
CA ILE B 178 8.02 -17.60 5.98
C ILE B 178 8.21 -18.27 4.58
N LEU B 179 9.21 -19.16 4.52
CA LEU B 179 9.52 -19.84 3.35
C LEU B 179 8.32 -20.69 2.92
N ASN B 180 7.65 -21.36 3.87
CA ASN B 180 6.43 -22.09 3.55
C ASN B 180 5.27 -21.17 3.06
N GLU B 181 5.11 -19.95 3.62
CA GLU B 181 4.03 -19.09 3.15
C GLU B 181 4.29 -18.58 1.73
N TYR B 182 5.56 -18.36 1.39
CA TYR B 182 5.96 -17.93 0.07
C TYR B 182 5.66 -19.08 -0.92
N ALA B 183 6.00 -20.32 -0.55
CA ALA B 183 5.72 -21.47 -1.40
C ALA B 183 4.21 -21.57 -1.71
N SER B 184 3.46 -21.29 -0.69
CA SER B 184 2.03 -21.36 -0.75
C SER B 184 1.42 -20.22 -1.60
N ILE B 185 2.03 -19.03 -1.55
CA ILE B 185 1.56 -17.99 -2.43
C ILE B 185 1.75 -18.36 -3.89
N TYR B 186 2.90 -18.92 -4.24
CA TYR B 186 3.16 -19.29 -5.61
C TYR B 186 2.30 -20.49 -6.02
N GLU B 187 2.27 -21.53 -5.18
CA GLU B 187 1.55 -22.77 -5.53
C GLU B 187 0.02 -22.66 -5.42
N ASP B 188 -0.51 -22.24 -4.29
CA ASP B 188 -1.97 -22.22 -4.07
C ASP B 188 -2.67 -21.02 -4.64
N LEU B 189 -2.01 -19.87 -4.72
CA LEU B 189 -2.69 -18.69 -5.21
C LEU B 189 -2.45 -18.55 -6.75
N LEU B 190 -1.18 -18.68 -7.17
CA LEU B 190 -0.72 -18.42 -8.51
C LEU B 190 -0.54 -19.72 -9.33
N ALA B 191 -0.83 -20.86 -8.74
CA ALA B 191 -0.72 -22.13 -9.44
C ALA B 191 0.63 -22.30 -10.15
N THR B 192 1.71 -21.85 -9.50
CA THR B 192 3.06 -21.90 -10.11
C THR B 192 3.98 -22.71 -9.21
N PRO B 193 4.51 -23.86 -9.72
CA PRO B 193 5.38 -24.74 -8.90
C PRO B 193 6.73 -24.13 -8.56
N VAL B 194 7.18 -24.33 -7.31
CA VAL B 194 8.45 -23.86 -6.91
C VAL B 194 9.25 -24.90 -6.11
N VAL B 195 10.59 -24.78 -6.12
CA VAL B 195 11.44 -25.68 -5.40
C VAL B 195 12.07 -24.98 -4.17
N LYS B 196 11.74 -25.48 -2.98
CA LYS B 196 12.38 -24.98 -1.75
C LYS B 196 13.78 -25.51 -1.52
N GLY B 197 14.65 -24.63 -1.08
CA GLY B 197 15.96 -25.12 -0.59
C GLY B 197 16.89 -24.08 0.02
N THR B 198 18.17 -24.45 0.15
CA THR B 198 19.21 -23.60 0.74
C THR B 198 20.21 -23.16 -0.30
N LYS B 199 20.55 -21.89 -0.30
CA LYS B 199 21.56 -21.31 -1.20
C LYS B 199 22.91 -21.79 -0.76
N SER B 200 23.80 -21.86 -1.74
CA SER B 200 25.20 -22.19 -1.51
C SER B 200 25.92 -20.98 -0.93
N GLU B 201 27.06 -21.23 -0.32
CA GLU B 201 27.87 -20.19 0.26
C GLU B 201 28.26 -19.10 -0.72
N ASN B 202 28.57 -19.48 -1.96
CA ASN B 202 28.89 -18.47 -2.98
C ASN B 202 27.65 -17.61 -3.35
N GLU B 203 26.46 -18.18 -3.26
CA GLU B 203 25.24 -17.48 -3.69
C GLU B 203 24.49 -16.77 -2.57
N LYS B 204 24.71 -17.12 -1.29
CA LYS B 204 23.92 -16.50 -0.21
C LYS B 204 24.18 -15.00 0.00
N PHE B 205 23.19 -14.32 0.58
CA PHE B 205 23.35 -12.92 1.03
C PHE B 205 24.56 -12.81 2.03
N PRO B 206 25.58 -12.07 1.62
CA PRO B 206 26.75 -11.95 2.45
C PRO B 206 26.49 -11.45 3.88
N GLY B 207 25.41 -10.69 4.10
CA GLY B 207 25.20 -10.13 5.42
C GLY B 207 24.69 -11.11 6.48
N GLY B 208 24.58 -12.39 6.14
CA GLY B 208 23.87 -13.32 6.97
C GLY B 208 24.55 -14.66 6.92
N ASP B 209 24.02 -15.61 7.70
CA ASP B 209 24.57 -16.92 7.91
C ASP B 209 23.97 -17.95 7.01
N ILE B 210 22.66 -17.90 6.84
CA ILE B 210 21.99 -18.86 5.97
C ILE B 210 20.96 -18.14 5.10
N THR B 211 20.80 -18.58 3.88
CA THR B 211 19.75 -18.04 3.03
C THR B 211 18.95 -19.20 2.44
N LYS B 212 17.64 -19.18 2.67
CA LYS B 212 16.74 -20.07 1.97
C LYS B 212 15.92 -19.38 0.90
N SER B 213 15.42 -20.16 -0.07
CA SER B 213 14.71 -19.61 -1.21
C SER B 213 13.85 -20.58 -1.90
N ILE B 214 13.03 -20.04 -2.76
CA ILE B 214 12.26 -20.84 -3.69
C ILE B 214 12.71 -20.51 -5.06
N GLU B 215 12.90 -21.49 -5.91
CA GLU B 215 13.24 -21.27 -7.32
C GLU B 215 12.17 -21.67 -8.25
N GLY B 216 11.94 -20.87 -9.28
CA GLY B 216 10.99 -21.24 -10.32
C GLY B 216 11.77 -21.54 -11.56
N PHE B 217 11.11 -21.98 -12.61
CA PHE B 217 11.82 -22.24 -13.89
C PHE B 217 10.89 -22.05 -15.06
N ILE B 218 11.37 -21.34 -16.11
CA ILE B 218 10.60 -21.10 -17.35
C ILE B 218 11.07 -22.03 -18.48
N PRO B 219 10.39 -23.14 -18.69
CA PRO B 219 10.83 -24.21 -19.61
C PRO B 219 11.03 -23.80 -21.08
N GLU B 220 10.38 -22.73 -21.53
CA GLU B 220 10.41 -22.31 -22.96
C GLU B 220 11.68 -21.61 -23.34
N ILE B 221 12.39 -21.08 -22.36
CA ILE B 221 13.66 -20.45 -22.62
C ILE B 221 14.79 -21.05 -21.80
N GLY B 222 14.48 -22.06 -21.00
CA GLY B 222 15.47 -22.74 -20.18
C GLY B 222 16.13 -21.96 -19.05
N ARG B 223 15.46 -20.99 -18.45
CA ARG B 223 16.14 -20.20 -17.41
C ARG B 223 15.44 -20.27 -16.08
N ALA B 224 16.22 -20.41 -15.00
CA ALA B 224 15.70 -20.37 -13.64
C ALA B 224 15.51 -18.93 -13.20
N VAL B 225 14.63 -18.73 -12.24
CA VAL B 225 14.45 -17.41 -11.62
C VAL B 225 14.27 -17.64 -10.12
N GLN B 226 14.91 -16.81 -9.32
CA GLN B 226 14.77 -16.82 -7.89
C GLN B 226 13.45 -16.14 -7.49
N ALA B 227 12.55 -16.84 -6.82
CA ALA B 227 11.14 -16.34 -6.64
C ALA B 227 10.81 -15.56 -5.38
N ALA B 228 11.62 -15.75 -4.34
CA ALA B 228 11.48 -15.10 -3.09
C ALA B 228 12.60 -15.60 -2.18
N THR B 229 12.88 -14.95 -1.06
CA THR B 229 13.99 -15.42 -0.26
C THR B 229 13.89 -15.10 1.24
N SER B 230 14.65 -15.79 2.08
CA SER B 230 14.44 -15.70 3.53
C SER B 230 15.75 -15.99 4.30
N HIS B 231 16.28 -15.02 5.04
CA HIS B 231 17.57 -15.18 5.65
C HIS B 231 17.52 -15.38 7.20
N LEU B 232 18.34 -16.29 7.68
CA LEU B 232 18.81 -16.28 9.06
C LEU B 232 20.04 -15.40 9.12
N LEU B 233 19.89 -14.20 9.63
CA LEU B 233 21.01 -13.26 9.63
C LEU B 233 21.93 -13.53 10.83
N GLY B 234 21.46 -14.37 11.74
CA GLY B 234 22.14 -14.65 12.98
C GLY B 234 22.40 -13.41 13.79
N GLN B 235 23.68 -13.20 14.11
CA GLN B 235 24.10 -12.08 14.93
C GLN B 235 24.94 -11.10 14.14
N ASN B 236 25.04 -11.30 12.82
CA ASN B 236 25.93 -10.45 12.02
C ASN B 236 25.61 -8.98 12.07
N PHE B 237 24.32 -8.65 11.97
CA PHE B 237 23.87 -7.26 11.94
C PHE B 237 23.68 -6.70 13.33
N SER B 238 23.46 -7.58 14.31
CA SER B 238 23.18 -7.08 15.63
C SER B 238 24.46 -6.51 16.20
N LYS B 239 25.57 -7.17 15.88
CA LYS B 239 26.89 -6.67 16.30
C LYS B 239 27.26 -5.38 15.57
N MET B 240 26.90 -5.28 14.31
CA MET B 240 27.21 -4.05 13.50
C MET B 240 26.47 -2.78 13.95
N PHE B 241 25.27 -2.96 14.51
CA PHE B 241 24.41 -1.84 14.92
C PHE B 241 24.11 -1.79 16.43
N GLY B 242 24.45 -2.84 17.17
CA GLY B 242 24.37 -2.76 18.62
C GLY B 242 23.01 -3.21 19.13
N VAL B 243 22.51 -4.31 18.60
CA VAL B 243 21.19 -4.75 18.93
C VAL B 243 21.41 -5.82 19.93
N GLU B 244 21.23 -5.43 21.20
CA GLU B 244 21.48 -6.32 22.33
C GLU B 244 20.38 -6.24 23.37
N PHE B 245 20.16 -7.39 23.98
CA PHE B 245 19.22 -7.49 25.06
C PHE B 245 19.84 -8.16 26.31
N GLU B 246 19.20 -7.92 27.42
CA GLU B 246 19.61 -8.51 28.66
C GLU B 246 18.76 -9.71 28.89
N ASP B 247 19.36 -10.83 29.26
CA ASP B 247 18.63 -12.07 29.56
C ASP B 247 18.01 -12.06 30.95
N GLU B 248 17.45 -13.19 31.32
CA GLU B 248 16.85 -13.30 32.62
C GLU B 248 17.86 -13.23 33.75
N LYS B 249 19.14 -13.48 33.50
CA LYS B 249 20.16 -13.35 34.59
C LYS B 249 21.06 -12.08 34.42
N GLY B 250 20.57 -11.10 33.65
CA GLY B 250 21.29 -9.84 33.43
C GLY B 250 22.41 -9.80 32.40
N ASN B 251 22.71 -10.92 31.80
CA ASN B 251 23.76 -11.03 30.74
C ASN B 251 23.28 -10.37 29.43
N LYS B 252 24.08 -9.45 28.88
CA LYS B 252 23.86 -8.87 27.53
C LYS B 252 24.20 -9.88 26.44
N GLU B 253 23.25 -10.16 25.51
CA GLU B 253 23.58 -10.88 24.24
C GLU B 253 22.98 -10.15 22.99
N TYR B 254 23.61 -10.37 21.84
CA TYR B 254 23.14 -9.81 20.58
C TYR B 254 21.91 -10.57 20.09
N ALA B 255 20.92 -9.85 19.61
CA ALA B 255 19.68 -10.52 19.19
C ALA B 255 19.92 -11.36 17.89
N HIS B 256 19.11 -12.42 17.70
CA HIS B 256 19.18 -13.29 16.54
C HIS B 256 18.11 -12.80 15.53
N GLN B 257 18.56 -12.27 14.39
CA GLN B 257 17.70 -11.63 13.41
C GLN B 257 17.35 -12.45 12.14
N THR B 258 16.17 -12.22 11.61
CA THR B 258 15.80 -12.65 10.20
C THR B 258 15.32 -11.51 9.29
N SER B 259 15.40 -11.73 7.98
CA SER B 259 14.72 -10.91 7.00
C SER B 259 14.33 -11.71 5.78
N TRP B 260 13.35 -11.20 5.08
CA TRP B 260 12.67 -11.90 3.97
C TRP B 260 11.92 -10.88 3.10
N GLY B 261 11.87 -11.15 1.82
CA GLY B 261 11.09 -10.28 0.87
C GLY B 261 10.58 -11.04 -0.35
N LEU B 262 9.50 -10.54 -0.91
CA LEU B 262 8.85 -11.09 -2.17
C LEU B 262 8.37 -9.87 -3.02
N THR B 263 8.55 -9.88 -4.34
CA THR B 263 8.30 -8.70 -5.16
C THR B 263 7.32 -8.94 -6.30
N THR B 264 7.05 -7.92 -7.12
CA THR B 264 6.14 -8.01 -8.28
C THR B 264 6.65 -8.95 -9.37
N ARG B 265 7.88 -9.44 -9.24
CA ARG B 265 8.39 -10.55 -10.06
C ARG B 265 7.45 -11.76 -10.10
N ALA B 266 6.69 -11.97 -9.04
CA ALA B 266 5.79 -13.10 -8.96
C ALA B 266 4.73 -13.07 -10.09
N ILE B 267 4.34 -11.88 -10.45
CA ILE B 267 3.37 -11.73 -11.46
C ILE B 267 3.94 -12.18 -12.80
N GLY B 268 5.22 -11.91 -13.02
CA GLY B 268 5.88 -12.29 -14.27
C GLY B 268 6.04 -13.77 -14.41
N VAL B 269 6.45 -14.44 -13.34
CA VAL B 269 6.69 -15.84 -13.40
C VAL B 269 5.40 -16.62 -13.72
N MET B 270 4.31 -16.12 -13.19
CA MET B 270 3.00 -16.69 -13.33
C MET B 270 2.55 -16.49 -14.77
N ILE B 271 2.76 -15.30 -15.30
CA ILE B 271 2.38 -15.05 -16.68
C ILE B 271 3.09 -15.97 -17.70
N MET B 272 4.42 -16.08 -17.52
CA MET B 272 5.28 -16.87 -18.39
C MET B 272 5.02 -18.38 -18.25
N THR B 273 4.53 -18.79 -17.09
CA THR B 273 4.18 -20.17 -16.88
C THR B 273 2.86 -20.58 -17.62
N HIS B 274 1.78 -19.83 -17.47
CA HIS B 274 0.47 -20.31 -17.90
C HIS B 274 0.05 -19.81 -19.30
N GLY B 275 0.65 -18.73 -19.80
CA GLY B 275 0.22 -18.08 -21.00
C GLY B 275 0.44 -18.99 -22.20
N ASP B 276 -0.42 -18.86 -23.20
CA ASP B 276 -0.22 -19.62 -24.48
C ASP B 276 -0.24 -18.71 -25.71
N ASN B 277 -0.35 -19.29 -26.90
CA ASN B 277 -0.29 -18.49 -28.13
C ASN B 277 -1.52 -17.67 -28.38
N LYS B 278 -2.63 -17.88 -27.66
CA LYS B 278 -3.74 -16.91 -27.67
C LYS B 278 -3.73 -15.80 -26.61
N GLY B 279 -2.82 -15.83 -25.61
CA GLY B 279 -2.75 -14.73 -24.63
C GLY B 279 -2.57 -15.13 -23.17
N LEU B 280 -3.02 -14.31 -22.25
CA LEU B 280 -2.98 -14.72 -20.83
C LEU B 280 -3.92 -15.88 -20.56
N VAL B 281 -3.42 -16.79 -19.72
CA VAL B 281 -4.25 -17.70 -18.99
C VAL B 281 -3.99 -17.38 -17.52
N LEU B 282 -5.04 -17.08 -16.78
CA LEU B 282 -4.88 -16.66 -15.37
C LEU B 282 -5.48 -17.62 -14.37
N PRO B 283 -4.78 -17.88 -13.24
CA PRO B 283 -5.42 -18.68 -12.17
C PRO B 283 -6.68 -18.00 -11.78
N PRO B 284 -7.80 -18.68 -11.69
CA PRO B 284 -9.04 -18.03 -11.19
C PRO B 284 -8.94 -17.33 -9.80
N LYS B 285 -8.12 -17.81 -8.88
CA LYS B 285 -8.00 -16.99 -7.65
C LYS B 285 -7.45 -15.58 -7.83
N VAL B 286 -6.80 -15.27 -8.96
CA VAL B 286 -6.32 -13.91 -9.19
C VAL B 286 -6.88 -13.19 -10.46
N ALA B 287 -7.68 -13.86 -11.28
CA ALA B 287 -8.28 -13.23 -12.46
C ALA B 287 -9.21 -12.13 -12.02
N PRO B 288 -8.96 -10.91 -12.45
CA PRO B 288 -9.86 -9.78 -12.17
C PRO B 288 -11.30 -10.02 -12.59
N VAL B 289 -11.49 -10.67 -13.75
CA VAL B 289 -12.80 -11.20 -14.20
C VAL B 289 -12.74 -12.73 -14.46
N GLN B 290 -13.56 -13.54 -13.75
CA GLN B 290 -13.57 -15.01 -13.91
C GLN B 290 -14.54 -15.55 -15.01
N VAL B 291 -15.69 -14.90 -15.14
CA VAL B 291 -16.70 -15.22 -16.18
C VAL B 291 -17.11 -13.97 -16.92
N ILE B 292 -17.06 -14.06 -18.26
CA ILE B 292 -17.64 -13.03 -19.10
C ILE B 292 -18.84 -13.61 -19.89
N ILE B 293 -19.95 -12.89 -19.78
CA ILE B 293 -21.20 -13.25 -20.42
C ILE B 293 -21.41 -12.47 -21.73
N ILE B 294 -21.36 -13.20 -22.84
CA ILE B 294 -21.54 -12.60 -24.16
C ILE B 294 -22.83 -13.05 -24.90
N PRO B 295 -23.82 -12.15 -25.01
CA PRO B 295 -25.01 -12.48 -25.81
C PRO B 295 -24.79 -12.37 -27.35
N ILE B 296 -25.45 -13.29 -28.07
CA ILE B 296 -25.43 -13.36 -29.53
C ILE B 296 -26.70 -12.72 -30.14
N GLN B 306 -34.04 -11.95 -23.40
CA GLN B 306 -32.61 -12.13 -23.67
C GLN B 306 -31.70 -11.39 -22.68
N LYS B 307 -32.01 -10.12 -22.46
CA LYS B 307 -31.27 -9.34 -21.49
C LYS B 307 -31.74 -9.63 -20.06
N LYS B 308 -32.98 -10.10 -19.88
CA LYS B 308 -33.45 -10.53 -18.54
C LYS B 308 -32.67 -11.78 -18.11
N ILE B 309 -32.24 -12.54 -19.12
CA ILE B 309 -31.60 -13.83 -18.93
C ILE B 309 -30.10 -13.67 -18.59
N CYS B 310 -29.42 -12.76 -19.29
CA CYS B 310 -28.07 -12.36 -18.92
C CYS B 310 -27.98 -11.81 -17.48
N ASN B 311 -28.89 -10.91 -17.11
CA ASN B 311 -28.84 -10.34 -15.79
C ASN B 311 -29.25 -11.35 -14.76
N GLU B 312 -29.95 -12.40 -15.16
CA GLU B 312 -30.34 -13.44 -14.19
C GLU B 312 -29.11 -14.29 -13.85
N VAL B 313 -28.45 -14.81 -14.89
CA VAL B 313 -27.18 -15.55 -14.75
C VAL B 313 -26.20 -14.76 -13.85
N GLU B 314 -26.02 -13.47 -14.16
CA GLU B 314 -25.18 -12.60 -13.36
C GLU B 314 -25.50 -12.61 -11.85
N CYS B 315 -26.73 -12.31 -11.49
CA CYS B 315 -27.12 -12.26 -10.07
C CYS B 315 -26.79 -13.53 -9.35
N ILE B 316 -27.07 -14.64 -10.03
CA ILE B 316 -26.84 -15.98 -9.49
C ILE B 316 -25.35 -16.11 -9.17
N LEU B 317 -24.49 -15.72 -10.12
CA LEU B 317 -23.04 -15.75 -9.95
C LEU B 317 -22.46 -14.79 -8.90
N LYS B 318 -22.93 -13.53 -8.78
CA LYS B 318 -22.54 -12.71 -7.58
C LYS B 318 -22.96 -13.28 -6.21
N LYS B 319 -24.19 -13.78 -6.07
CA LYS B 319 -24.58 -14.34 -4.76
C LYS B 319 -23.58 -15.50 -4.40
N ALA B 320 -23.16 -16.22 -5.45
CA ALA B 320 -22.16 -17.33 -5.36
C ALA B 320 -20.71 -16.94 -5.13
N GLY B 321 -20.33 -15.67 -5.31
CA GLY B 321 -19.01 -15.18 -4.90
C GLY B 321 -18.00 -15.08 -6.04
N VAL B 322 -18.54 -14.99 -7.27
CA VAL B 322 -17.87 -15.06 -8.57
C VAL B 322 -17.86 -13.65 -9.26
N ARG B 323 -16.71 -13.30 -9.85
CA ARG B 323 -16.51 -11.99 -10.46
C ARG B 323 -16.90 -12.18 -11.92
N VAL B 324 -17.95 -11.49 -12.32
CA VAL B 324 -18.58 -11.72 -13.60
C VAL B 324 -19.01 -10.40 -14.23
N LYS B 325 -18.94 -10.33 -15.54
CA LYS B 325 -19.32 -9.12 -16.24
C LYS B 325 -20.13 -9.53 -17.48
N ILE B 326 -21.01 -8.66 -17.92
CA ILE B 326 -21.58 -8.83 -19.25
C ILE B 326 -20.91 -7.94 -20.26
N ASP B 327 -20.64 -8.45 -21.44
CA ASP B 327 -20.18 -7.60 -22.51
C ASP B 327 -21.39 -7.57 -23.47
N ASP B 328 -22.11 -6.47 -23.52
CA ASP B 328 -23.31 -6.36 -24.34
C ASP B 328 -23.23 -5.23 -25.36
N ARG B 329 -22.08 -5.08 -25.97
CA ARG B 329 -21.79 -3.97 -26.86
C ARG B 329 -22.17 -4.33 -28.31
N SER B 330 -22.96 -3.49 -28.96
CA SER B 330 -23.46 -3.76 -30.32
C SER B 330 -22.42 -3.59 -31.42
N ASN B 331 -21.50 -2.65 -31.24
CA ASN B 331 -20.52 -2.30 -32.27
C ASN B 331 -19.35 -3.27 -32.46
N TYR B 332 -19.44 -4.49 -31.91
CA TYR B 332 -18.36 -5.51 -32.06
C TYR B 332 -18.93 -6.91 -32.37
N THR B 333 -18.25 -7.66 -33.26
CA THR B 333 -18.62 -9.07 -33.57
C THR B 333 -18.30 -10.05 -32.42
N PRO B 334 -19.15 -11.08 -32.27
CA PRO B 334 -18.88 -12.14 -31.31
C PRO B 334 -17.47 -12.70 -31.36
N GLY B 335 -16.93 -12.87 -32.57
CA GLY B 335 -15.55 -13.32 -32.77
C GLY B 335 -14.49 -12.30 -32.33
N TRP B 336 -14.83 -11.02 -32.33
CA TRP B 336 -13.92 -9.97 -31.84
C TRP B 336 -13.89 -10.05 -30.26
N LYS B 337 -15.08 -10.25 -29.68
CA LYS B 337 -15.20 -10.36 -28.27
C LYS B 337 -14.50 -11.59 -27.76
N TYR B 338 -14.70 -12.71 -28.44
CA TYR B 338 -14.03 -13.97 -28.07
C TYR B 338 -12.54 -13.75 -27.95
N ASN B 339 -11.93 -13.15 -28.98
CA ASN B 339 -10.50 -12.91 -28.90
C ASN B 339 -10.11 -11.94 -27.72
N HIS B 340 -10.86 -10.83 -27.59
CA HIS B 340 -10.58 -9.78 -26.64
C HIS B 340 -10.48 -10.39 -25.20
N TRP B 341 -11.47 -11.17 -24.80
CA TRP B 341 -11.51 -11.70 -23.46
C TRP B 341 -10.61 -12.90 -23.28
N GLU B 342 -10.31 -13.61 -24.37
CA GLU B 342 -9.28 -14.63 -24.33
C GLU B 342 -7.87 -14.04 -24.05
N VAL B 343 -7.56 -12.89 -24.66
CA VAL B 343 -6.25 -12.30 -24.58
C VAL B 343 -5.97 -11.82 -23.16
N LYS B 344 -7.08 -11.41 -22.52
CA LYS B 344 -7.13 -10.90 -21.20
C LYS B 344 -7.23 -12.03 -20.16
N GLY B 345 -7.16 -13.28 -20.62
CA GLY B 345 -7.20 -14.43 -19.72
C GLY B 345 -8.42 -14.65 -18.84
N VAL B 346 -9.62 -14.35 -19.38
CA VAL B 346 -10.87 -14.69 -18.62
C VAL B 346 -11.11 -16.19 -18.67
N CYS B 347 -11.33 -16.80 -17.50
CA CYS B 347 -11.35 -18.25 -17.34
C CYS B 347 -12.49 -18.97 -18.13
N LEU B 348 -13.71 -18.41 -18.01
CA LEU B 348 -14.94 -19.00 -18.51
C LEU B 348 -15.67 -17.99 -19.35
N ARG B 349 -16.01 -18.38 -20.57
CA ARG B 349 -16.83 -17.58 -21.48
C ARG B 349 -18.19 -18.25 -21.63
N PHE B 350 -19.26 -17.49 -21.26
CA PHE B 350 -20.69 -17.86 -21.46
C PHE B 350 -21.27 -17.22 -22.77
N GLU B 351 -21.70 -18.07 -23.72
CA GLU B 351 -22.35 -17.60 -24.98
C GLU B 351 -23.88 -17.79 -24.79
N VAL B 352 -24.66 -16.71 -24.96
CA VAL B 352 -26.10 -16.79 -24.78
C VAL B 352 -26.88 -16.29 -26.01
N GLY B 353 -27.22 -17.19 -26.92
CA GLY B 353 -28.16 -16.92 -28.05
C GLY B 353 -29.62 -17.36 -27.84
N PRO B 354 -30.42 -17.44 -28.95
CA PRO B 354 -31.84 -17.85 -28.87
C PRO B 354 -32.01 -19.33 -28.54
N ARG B 355 -31.15 -20.14 -29.19
CA ARG B 355 -31.03 -21.58 -28.98
C ARG B 355 -30.79 -21.90 -27.50
N ASP B 356 -29.81 -21.21 -26.93
CA ASP B 356 -29.44 -21.33 -25.51
C ASP B 356 -30.59 -20.84 -24.61
N ILE B 357 -31.09 -19.63 -24.88
CA ILE B 357 -32.23 -19.06 -24.14
C ILE B 357 -33.47 -20.00 -24.11
N GLU B 358 -33.85 -20.53 -25.28
CA GLU B 358 -34.97 -21.50 -25.37
C GLU B 358 -34.81 -22.67 -24.38
N LYS B 359 -33.61 -23.27 -24.33
CA LYS B 359 -33.35 -24.47 -23.50
C LYS B 359 -33.03 -24.22 -22.00
N ARG B 360 -32.99 -22.95 -21.58
CA ARG B 360 -32.69 -22.57 -20.19
CA ARG B 360 -32.69 -22.57 -20.19
C ARG B 360 -31.28 -23.02 -19.77
N SER B 361 -30.37 -23.04 -20.74
CA SER B 361 -29.00 -23.45 -20.55
C SER B 361 -28.00 -22.41 -21.15
N VAL B 362 -26.78 -22.48 -20.66
CA VAL B 362 -25.69 -21.61 -21.07
C VAL B 362 -24.64 -22.47 -21.79
N ARG B 363 -24.18 -22.04 -22.96
CA ARG B 363 -23.01 -22.62 -23.58
C ARG B 363 -21.72 -22.07 -22.91
N VAL B 364 -20.90 -22.94 -22.33
CA VAL B 364 -19.65 -22.54 -21.67
C VAL B 364 -18.44 -22.88 -22.52
N VAL B 365 -17.49 -21.94 -22.66
CA VAL B 365 -16.12 -22.25 -23.19
C VAL B 365 -14.93 -21.98 -22.22
N VAL B 366 -14.13 -23.01 -21.98
CA VAL B 366 -13.13 -22.99 -20.92
C VAL B 366 -11.82 -22.58 -21.53
N ARG B 367 -11.12 -21.66 -20.89
CA ARG B 367 -10.04 -20.90 -21.56
C ARG B 367 -8.76 -21.71 -21.80
N ASP B 368 -8.34 -22.57 -20.86
CA ASP B 368 -7.04 -23.25 -21.01
C ASP B 368 -7.13 -24.46 -21.90
N ASN B 369 -8.26 -25.16 -21.92
CA ASN B 369 -8.37 -26.36 -22.71
C ASN B 369 -9.33 -26.37 -23.88
N MET B 370 -10.09 -25.30 -24.05
CA MET B 370 -10.98 -25.19 -25.21
C MET B 370 -12.20 -26.10 -25.10
N GLU B 371 -12.47 -26.58 -23.91
CA GLU B 371 -13.48 -27.61 -23.66
C GLU B 371 -14.86 -26.93 -23.64
N LYS B 372 -15.87 -27.55 -24.26
CA LYS B 372 -17.21 -26.95 -24.44
C LYS B 372 -18.26 -27.76 -23.69
N MET B 373 -19.16 -27.07 -23.00
CA MET B 373 -20.22 -27.66 -22.15
C MET B 373 -21.55 -26.90 -22.20
N ASP B 374 -22.66 -27.56 -21.93
CA ASP B 374 -23.94 -26.85 -21.77
C ASP B 374 -24.38 -27.06 -20.34
N ILE B 375 -24.61 -25.97 -19.63
CA ILE B 375 -25.09 -26.04 -18.26
C ILE B 375 -26.46 -25.37 -18.06
N PRO B 376 -27.42 -26.10 -17.50
CA PRO B 376 -28.63 -25.49 -17.04
C PRO B 376 -28.40 -24.41 -15.98
N ILE B 377 -29.24 -23.38 -16.07
CA ILE B 377 -29.19 -22.21 -15.22
C ILE B 377 -29.40 -22.56 -13.78
N SER B 378 -30.24 -23.58 -13.56
CA SER B 378 -30.53 -24.17 -12.28
C SER B 378 -29.33 -24.80 -11.59
N GLU B 379 -28.37 -25.27 -12.37
CA GLU B 379 -27.19 -25.86 -11.77
C GLU B 379 -26.03 -24.87 -11.55
N LEU B 380 -26.12 -23.62 -12.01
CA LEU B 380 -25.01 -22.68 -11.85
C LEU B 380 -24.52 -22.42 -10.37
N GLU B 381 -25.44 -22.25 -9.41
CA GLU B 381 -25.01 -21.93 -8.05
C GLU B 381 -23.91 -22.90 -7.69
N SER B 382 -24.16 -24.19 -7.95
CA SER B 382 -23.31 -25.31 -7.48
C SER B 382 -22.10 -25.56 -8.37
N LYS B 383 -22.27 -25.44 -9.68
CA LYS B 383 -21.33 -26.00 -10.63
C LYS B 383 -20.22 -25.05 -11.09
N ILE B 384 -20.46 -23.75 -11.08
CA ILE B 384 -19.43 -22.81 -11.56
C ILE B 384 -18.25 -22.68 -10.54
N PRO B 385 -18.51 -22.41 -9.25
CA PRO B 385 -17.39 -22.54 -8.30
C PRO B 385 -16.60 -23.77 -8.58
N LYS B 386 -17.29 -24.89 -8.77
CA LYS B 386 -16.59 -26.16 -8.90
C LYS B 386 -15.68 -26.26 -10.15
N LEU B 387 -16.13 -25.73 -11.29
CA LEU B 387 -15.28 -25.57 -12.45
C LEU B 387 -14.06 -24.71 -12.16
N LEU B 388 -14.27 -23.60 -11.47
CA LEU B 388 -13.16 -22.72 -11.16
C LEU B 388 -12.08 -23.43 -10.28
N GLU B 389 -12.47 -24.22 -9.25
CA GLU B 389 -11.50 -25.03 -8.48
C GLU B 389 -10.77 -26.05 -9.32
N GLU B 390 -11.48 -26.64 -10.26
CA GLU B 390 -10.87 -27.62 -11.18
C GLU B 390 -9.81 -26.95 -12.10
N PHE B 391 -10.14 -25.78 -12.60
CA PHE B 391 -9.26 -24.98 -13.48
C PHE B 391 -7.96 -24.58 -12.70
N GLN B 392 -8.15 -23.96 -11.54
CA GLN B 392 -7.01 -23.70 -10.61
C GLN B 392 -6.07 -24.90 -10.38
N ASN B 393 -6.63 -26.08 -10.14
CA ASN B 393 -5.85 -27.29 -9.90
C ASN B 393 -5.20 -27.85 -11.14
N ARG B 394 -5.88 -27.71 -12.28
CA ARG B 394 -5.38 -28.18 -13.56
C ARG B 394 -4.11 -27.39 -13.85
N LEU B 395 -4.23 -26.07 -13.83
CA LEU B 395 -3.02 -25.21 -14.08
C LEU B 395 -1.78 -25.61 -13.24
N LEU B 396 -1.96 -25.85 -11.94
CA LEU B 396 -0.77 -26.19 -11.11
C LEU B 396 -0.31 -27.57 -11.51
N PHE B 397 -1.25 -28.46 -11.79
CA PHE B 397 -0.86 -29.84 -12.08
C PHE B 397 -0.01 -29.89 -13.35
N LYS B 398 -0.45 -29.23 -14.42
CA LYS B 398 0.33 -29.26 -15.68
C LYS B 398 1.64 -28.55 -15.54
N ALA B 399 1.71 -27.43 -14.82
CA ALA B 399 3.01 -26.75 -14.70
C ALA B 399 3.95 -27.60 -13.91
N LYS B 400 3.43 -28.42 -12.97
CA LYS B 400 4.31 -29.31 -12.20
C LYS B 400 4.90 -30.43 -13.04
N GLN B 401 4.07 -31.08 -13.86
CA GLN B 401 4.60 -32.05 -14.79
C GLN B 401 5.69 -31.45 -15.68
N ARG B 402 5.53 -30.20 -16.13
CA ARG B 402 6.51 -29.62 -17.01
C ARG B 402 7.81 -29.34 -16.22
N GLN B 403 7.67 -28.93 -14.96
CA GLN B 403 8.84 -28.79 -14.08
C GLN B 403 9.62 -30.10 -13.89
N ASN B 404 8.89 -31.20 -13.69
CA ASN B 404 9.57 -32.50 -13.60
C ASN B 404 10.32 -32.91 -14.86
N GLU B 405 9.68 -32.93 -16.05
CA GLU B 405 10.41 -33.18 -17.33
C GLU B 405 11.68 -32.31 -17.47
N SER B 406 11.69 -31.12 -16.88
CA SER B 406 12.85 -30.28 -17.05
C SER B 406 13.98 -30.55 -16.09
N ILE B 407 13.89 -31.55 -15.21
CA ILE B 407 14.98 -31.78 -14.27
C ILE B 407 15.68 -33.11 -14.47
N ILE B 408 16.94 -33.08 -14.92
CA ILE B 408 17.72 -34.29 -15.27
C ILE B 408 18.88 -34.63 -14.28
N ARG B 409 18.86 -35.83 -13.74
CA ARG B 409 19.99 -36.33 -13.00
C ARG B 409 21.21 -36.58 -13.88
N VAL B 410 22.34 -36.00 -13.48
CA VAL B 410 23.66 -36.23 -14.08
C VAL B 410 24.67 -36.55 -12.96
N ASP B 411 25.54 -37.53 -13.20
CA ASP B 411 26.53 -37.92 -12.18
C ASP B 411 27.98 -37.50 -12.52
N THR B 412 28.20 -37.02 -13.75
CA THR B 412 29.50 -36.53 -14.17
C THR B 412 29.28 -35.38 -15.10
N PHE B 413 30.34 -34.69 -15.46
CA PHE B 413 30.23 -33.48 -16.24
C PHE B 413 29.83 -33.64 -17.71
N ASP B 414 29.80 -34.88 -18.19
CA ASP B 414 29.82 -35.19 -19.64
C ASP B 414 28.57 -34.76 -20.39
N LYS B 415 27.41 -35.10 -19.82
CA LYS B 415 26.16 -34.76 -20.45
C LYS B 415 25.66 -33.35 -20.07
N VAL B 416 26.44 -32.57 -19.32
CA VAL B 416 25.93 -31.32 -18.71
C VAL B 416 25.53 -30.31 -19.78
N MET B 417 26.47 -30.02 -20.66
CA MET B 417 26.22 -29.08 -21.74
C MET B 417 25.11 -29.50 -22.67
N ASP B 418 25.09 -30.76 -23.10
CA ASP B 418 23.96 -31.25 -23.89
C ASP B 418 22.61 -30.97 -23.18
N THR B 419 22.57 -31.21 -21.87
CA THR B 419 21.36 -31.00 -21.08
C THR B 419 20.96 -29.52 -20.91
N LEU B 420 21.91 -28.63 -20.56
CA LEU B 420 21.58 -27.20 -20.59
C LEU B 420 21.06 -26.77 -21.94
N ASN B 421 21.60 -27.32 -23.03
CA ASN B 421 21.19 -26.89 -24.39
C ASN B 421 19.90 -27.50 -24.86
N GLN B 422 19.37 -28.47 -24.11
CA GLN B 422 17.97 -28.86 -24.28
C GLN B 422 17.04 -27.98 -23.44
N LYS B 423 17.51 -26.87 -22.91
CA LYS B 423 16.73 -26.02 -22.01
C LYS B 423 16.27 -26.71 -20.70
N LYS B 424 17.20 -27.39 -20.03
CA LYS B 424 16.89 -28.04 -18.74
C LYS B 424 17.83 -27.67 -17.60
N MET B 425 17.43 -28.06 -16.39
CA MET B 425 18.22 -27.89 -15.17
C MET B 425 18.83 -29.24 -14.86
N VAL B 426 19.78 -29.22 -13.96
CA VAL B 426 20.57 -30.37 -13.72
C VAL B 426 20.53 -30.60 -12.20
N ILE B 427 20.25 -31.84 -11.81
CA ILE B 427 20.36 -32.21 -10.40
C ILE B 427 21.57 -33.12 -10.33
N ALA B 428 22.48 -32.80 -9.42
CA ALA B 428 23.73 -33.49 -9.40
C ALA B 428 24.42 -33.54 -8.02
N PRO B 429 25.22 -34.60 -7.77
CA PRO B 429 26.03 -34.72 -6.52
C PRO B 429 27.11 -33.67 -6.47
N TRP B 430 27.22 -32.96 -5.36
CA TRP B 430 28.12 -31.86 -5.27
C TRP B 430 28.80 -31.71 -3.90
N CYS B 431 30.01 -31.15 -3.96
CA CYS B 431 30.95 -31.00 -2.86
C CYS B 431 30.64 -29.70 -2.12
N GLU B 432 30.13 -28.68 -2.86
CA GLU B 432 29.51 -27.45 -2.30
C GLU B 432 30.53 -26.39 -2.05
N ASP B 433 31.80 -26.65 -2.38
CA ASP B 433 32.84 -25.62 -2.23
C ASP B 433 32.60 -24.42 -3.10
N VAL B 434 32.97 -23.27 -2.56
CA VAL B 434 33.03 -21.99 -3.29
C VAL B 434 33.88 -22.04 -4.59
N SER B 435 35.07 -22.63 -4.51
CA SER B 435 36.04 -22.66 -5.64
C SER B 435 35.54 -23.59 -6.75
N CYS B 436 34.88 -24.67 -6.32
CA CYS B 436 34.21 -25.59 -7.22
C CYS B 436 33.11 -24.83 -8.00
N GLU B 437 32.27 -24.06 -7.32
CA GLU B 437 31.22 -23.34 -8.01
C GLU B 437 31.78 -22.33 -8.97
N GLU B 438 32.79 -21.58 -8.52
CA GLU B 438 33.46 -20.61 -9.39
C GLU B 438 33.93 -21.25 -10.69
N GLU B 439 34.55 -22.43 -10.61
CA GLU B 439 35.04 -23.14 -11.76
C GLU B 439 33.95 -23.68 -12.67
N ILE B 440 32.91 -24.24 -12.07
CA ILE B 440 31.72 -24.62 -12.84
C ILE B 440 31.19 -23.47 -13.73
N LYS B 441 31.10 -22.29 -13.14
CA LYS B 441 30.66 -21.10 -13.86
C LYS B 441 31.54 -20.76 -15.09
N LYS B 442 32.85 -20.69 -14.86
CA LYS B 442 33.85 -20.38 -15.91
C LYS B 442 33.78 -21.38 -17.06
N GLU B 443 33.73 -22.67 -16.71
CA GLU B 443 33.76 -23.72 -17.68
C GLU B 443 32.50 -23.75 -18.51
N THR B 444 31.35 -23.61 -17.87
CA THR B 444 30.11 -23.73 -18.62
C THR B 444 29.95 -22.52 -19.54
N ALA B 445 30.42 -21.36 -19.09
CA ALA B 445 30.48 -20.17 -19.93
C ALA B 445 31.40 -20.37 -21.17
N ARG B 446 32.68 -20.69 -20.93
CA ARG B 446 33.62 -20.97 -22.02
C ARG B 446 32.95 -21.90 -23.04
N LEU B 447 32.26 -22.93 -22.57
CA LEU B 447 31.86 -24.02 -23.42
C LEU B 447 30.52 -23.80 -24.15
N SER B 448 29.91 -22.61 -24.04
CA SER B 448 28.64 -22.33 -24.72
C SER B 448 28.69 -21.20 -25.77
N GLY B 459 25.26 -17.32 -20.42
CA GLY B 459 25.82 -18.65 -20.73
C GLY B 459 26.07 -19.60 -19.55
N ALA B 460 26.64 -19.07 -18.45
CA ALA B 460 27.07 -19.84 -17.28
C ALA B 460 25.93 -20.55 -16.56
N MET B 461 26.22 -21.77 -16.11
CA MET B 461 25.43 -22.52 -15.11
C MET B 461 25.86 -22.19 -13.67
N LYS B 462 24.94 -21.90 -12.79
CA LYS B 462 25.27 -21.80 -11.40
C LYS B 462 24.29 -22.57 -10.55
N SER B 463 24.63 -22.71 -9.29
CA SER B 463 23.77 -23.34 -8.31
C SER B 463 22.53 -22.46 -8.05
N LEU B 464 21.38 -23.10 -8.06
CA LEU B 464 20.09 -22.45 -7.86
C LEU B 464 19.75 -22.67 -6.39
N CYS B 465 19.44 -23.92 -6.03
CA CYS B 465 19.49 -24.31 -4.65
C CYS B 465 19.88 -25.76 -4.42
N ILE B 466 20.14 -25.99 -3.13
CA ILE B 466 20.24 -27.36 -2.55
C ILE B 466 18.87 -27.78 -2.02
N PRO B 467 18.07 -28.54 -2.80
CA PRO B 467 16.70 -28.80 -2.27
C PRO B 467 16.64 -29.42 -0.86
N ASN B 468 15.78 -28.83 -0.01
CA ASN B 468 15.12 -29.47 1.12
C ASN B 468 14.76 -30.95 0.92
N ASP B 469 14.03 -31.24 -0.16
CA ASP B 469 13.64 -32.60 -0.54
C ASP B 469 14.69 -33.29 -1.46
N GLN B 470 15.47 -34.18 -0.86
CA GLN B 470 16.52 -35.00 -1.50
C GLN B 470 16.00 -36.36 -1.96
N ILE B 471 15.40 -36.39 -3.15
CA ILE B 471 14.91 -37.62 -3.78
C ILE B 471 16.03 -38.65 -3.83
N PHE B 472 17.23 -38.19 -4.21
CA PHE B 472 18.35 -39.08 -4.55
C PHE B 472 19.29 -39.28 -3.38
N LYS B 473 19.98 -40.43 -3.40
CA LYS B 473 20.80 -40.90 -2.26
C LYS B 473 22.35 -40.95 -2.50
N ILE B 474 23.02 -40.50 -1.46
CA ILE B 474 24.47 -40.46 -1.30
C ILE B 474 24.97 -41.77 -0.68
N GLU B 475 25.95 -42.41 -1.33
CA GLU B 475 26.68 -43.58 -0.79
C GLU B 475 27.74 -43.06 0.19
N GLU B 476 27.51 -43.13 1.51
CA GLU B 476 28.32 -42.32 2.46
C GLU B 476 29.73 -42.86 2.51
N GLY B 477 30.67 -42.13 1.90
CA GLY B 477 32.05 -42.60 1.65
C GLY B 477 32.52 -42.69 0.18
N LYS B 478 31.61 -42.98 -0.76
CA LYS B 478 31.96 -43.42 -2.15
C LYS B 478 31.57 -42.42 -3.30
N THR B 479 30.36 -41.87 -3.24
CA THR B 479 29.85 -40.88 -4.20
C THR B 479 30.69 -39.52 -4.26
N LYS B 480 31.07 -39.15 -5.48
CA LYS B 480 31.94 -38.02 -5.74
C LYS B 480 31.23 -36.80 -6.32
N CYS B 481 31.75 -35.60 -5.98
CA CYS B 481 31.40 -34.38 -6.78
C CYS B 481 31.29 -34.69 -8.31
N PHE B 482 30.33 -34.13 -9.01
CA PHE B 482 30.27 -34.36 -10.50
C PHE B 482 31.30 -33.61 -11.33
N PHE B 483 31.86 -32.59 -10.72
CA PHE B 483 32.91 -31.73 -11.25
C PHE B 483 34.22 -31.87 -10.43
N CYS B 484 34.21 -31.53 -9.15
CA CYS B 484 35.43 -31.62 -8.33
C CYS B 484 35.78 -33.07 -8.00
N ASP B 485 37.00 -33.31 -7.52
CA ASP B 485 37.36 -34.70 -7.19
C ASP B 485 37.04 -35.08 -5.69
N LYS B 486 36.64 -34.09 -4.87
CA LYS B 486 36.22 -34.33 -3.49
C LYS B 486 34.96 -35.23 -3.36
N LEU B 487 34.64 -35.57 -2.11
CA LEU B 487 33.36 -36.25 -1.84
C LEU B 487 32.18 -35.27 -1.87
N ALA B 488 31.05 -35.71 -2.42
CA ALA B 488 29.77 -34.95 -2.39
C ALA B 488 29.02 -34.89 -0.98
N LYS B 489 28.59 -33.71 -0.55
CA LYS B 489 27.78 -33.60 0.68
C LYS B 489 26.34 -34.00 0.36
N LYS B 490 25.83 -33.59 -0.81
CA LYS B 490 24.53 -34.04 -1.35
C LYS B 490 24.19 -33.53 -2.75
N PHE B 491 22.96 -33.78 -3.20
CA PHE B 491 22.48 -33.37 -4.53
C PHE B 491 22.04 -31.91 -4.54
N THR B 492 22.46 -31.22 -5.61
CA THR B 492 22.18 -29.83 -5.81
C THR B 492 21.62 -29.51 -7.21
N LEU B 493 20.89 -28.42 -7.31
CA LEU B 493 20.20 -28.03 -8.56
C LEU B 493 20.96 -26.88 -9.19
N PHE B 494 21.26 -27.04 -10.47
CA PHE B 494 22.10 -26.12 -11.19
C PHE B 494 21.36 -25.81 -12.47
N GLY B 495 21.63 -24.64 -13.02
CA GLY B 495 21.05 -24.27 -14.29
C GLY B 495 21.43 -22.88 -14.69
N ARG B 496 20.91 -22.44 -15.84
CA ARG B 496 21.13 -21.06 -16.29
C ARG B 496 20.05 -20.18 -15.66
N SER B 497 20.46 -19.01 -15.22
CA SER B 497 19.56 -18.14 -14.46
C SER B 497 19.05 -17.01 -15.37
N TYR B 498 17.88 -16.47 -15.08
CA TYR B 498 17.36 -15.35 -15.86
C TYR B 498 18.34 -14.17 -15.78
#